data_6TLC
#
_entry.id   6TLC
#
_cell.length_a   111.310
_cell.length_b   111.310
_cell.length_c   483.467
_cell.angle_alpha   90.000
_cell.angle_beta   90.000
_cell.angle_gamma   90.000
#
_symmetry.space_group_name_H-M   'P 41 21 2'
#
loop_
_entity.id
_entity.type
_entity.pdbx_description
1 polymer 'Signal transducer and activator of transcription 3'
2 polymer Monobody
3 water water
#
loop_
_entity_poly.entity_id
_entity_poly.type
_entity_poly.pdbx_seq_one_letter_code
_entity_poly.pdbx_strand_id
1 'polypeptide(L)'
;GSGQANHPTAAVVTEKQQMLEQHLQDVRKRVQDLEQKMKVVENLQDDFDFNYKTLKSQGDMQDLNGNNQSVTRQKMQQLE
QMLTALDQMRRSIVSELAGLLSAMEYVQKTLTDEELADWKRRQQIACIGGPPNICLDRLENWITSLAESQLQTRQQIKKL
EELQQKVSYKGDPIVQHRPMLEERIVELFRNLMKSAFVVERQPCMPMHPDRPLVIKTGVQFTTKVRLLVKFPELNYQLKI
KVCIDKDSGDVAALRGSRKFNILGTNTKVMNMEESNNGSLSAEFKHLTLREQRCGNGGRANCDASLIVTEELHLITFETE
VYHQGLKIDLETHSLPVVVISNICQMPNAWASILWYNMLTNNPKNVNFFTKPPIGTWDQVAEVLSWQFSSTTKRGLSIEQ
LTTLAEKLLGPGVNYSGCQITWAKFCKENMAGKGFSFWVWLDNIIDLVKKYILALWNEGYIMGFISKERERAILSTKPPG
TFLLRFSESSKEGGVTFTWVEKDISGKTQIQSVEPYTKQQLNNMSFAEIIMGYKIMDATNILVSPLVYLYPDIPKEEAFG
KYCRPESQEHPEADPGSAAPYLKTKFICVTPTTCSNTI
;
B,A
2 'polypeptide(L)'
;GSVSSVPTKLEVVAATPTSLLISWDAPAVTVDFYHITYGETGGNSPVQEFTVPGSKSTATISGLKPGVDYTITVYAYVSY
PEYYFPSPISINYRT
;
D,C
#
# COMPACT_ATOMS: atom_id res chain seq x y z
N VAL A 12 -25.62 5.44 -15.70
CA VAL A 12 -26.37 4.52 -16.64
C VAL A 12 -25.60 3.21 -16.81
N VAL A 13 -26.11 2.12 -16.23
CA VAL A 13 -25.39 0.82 -16.23
C VAL A 13 -26.00 -0.15 -17.24
N THR A 14 -25.17 -0.73 -18.10
CA THR A 14 -25.59 -1.80 -19.01
C THR A 14 -25.98 -2.98 -18.14
N GLU A 15 -26.57 -4.00 -18.76
CA GLU A 15 -26.68 -5.30 -18.14
C GLU A 15 -25.35 -6.05 -18.27
N LYS A 16 -24.65 -5.81 -19.37
CA LYS A 16 -23.31 -6.32 -19.59
C LYS A 16 -22.36 -5.93 -18.42
N GLN A 17 -22.62 -4.77 -17.83
CA GLN A 17 -21.76 -4.21 -16.79
C GLN A 17 -22.15 -4.72 -15.45
N GLN A 18 -23.44 -4.76 -15.13
CA GLN A 18 -23.83 -5.30 -13.82
C GLN A 18 -23.46 -6.78 -13.75
N MET A 19 -23.29 -7.44 -14.89
CA MET A 19 -22.80 -8.82 -14.88
C MET A 19 -21.32 -8.88 -14.59
N LEU A 20 -20.53 -8.02 -15.25
CA LEU A 20 -19.13 -7.74 -14.84
C LEU A 20 -19.01 -7.41 -13.34
N GLU A 21 -19.86 -6.51 -12.86
CA GLU A 21 -19.84 -6.19 -11.44
C GLU A 21 -20.00 -7.41 -10.53
N GLN A 22 -20.78 -8.37 -11.00
CA GLN A 22 -20.98 -9.64 -10.30
C GLN A 22 -19.78 -10.55 -10.43
N HIS A 23 -19.21 -10.68 -11.63
CA HIS A 23 -17.99 -11.47 -11.78
C HIS A 23 -16.89 -11.06 -10.84
N LEU A 24 -16.83 -9.76 -10.59
CA LEU A 24 -15.76 -9.21 -9.76
C LEU A 24 -15.96 -9.51 -8.28
N GLN A 25 -17.20 -9.45 -7.81
CA GLN A 25 -17.50 -9.91 -6.45
C GLN A 25 -17.35 -11.41 -6.36
N ASP A 26 -17.60 -12.14 -7.45
CA ASP A 26 -17.40 -13.58 -7.43
C ASP A 26 -15.92 -13.95 -7.42
N VAL A 27 -15.08 -13.26 -8.20
CA VAL A 27 -13.65 -13.54 -8.09
C VAL A 27 -13.19 -13.19 -6.70
N ARG A 28 -13.72 -12.12 -6.09
CA ARG A 28 -13.29 -11.73 -4.76
C ARG A 28 -13.55 -12.81 -3.76
N LYS A 29 -14.81 -13.24 -3.60
CA LYS A 29 -15.06 -14.30 -2.57
C LYS A 29 -14.44 -15.64 -2.92
N ARG A 30 -14.10 -15.86 -4.18
CA ARG A 30 -13.34 -17.04 -4.54
C ARG A 30 -11.96 -17.07 -3.95
N VAL A 31 -11.29 -15.93 -3.99
CA VAL A 31 -9.92 -15.81 -3.46
C VAL A 31 -9.95 -15.72 -1.93
N GLN A 32 -10.99 -15.10 -1.37
CA GLN A 32 -11.12 -15.08 0.10
C GLN A 32 -11.24 -16.48 0.60
N ASP A 33 -11.91 -17.33 -0.16
CA ASP A 33 -12.07 -18.72 0.25
C ASP A 33 -10.77 -19.45 0.18
N LEU A 34 -10.01 -19.28 -0.89
CA LEU A 34 -8.71 -19.92 -0.97
C LEU A 34 -7.74 -19.52 0.10
N GLU A 35 -7.65 -18.22 0.39
CA GLU A 35 -6.73 -17.80 1.45
C GLU A 35 -7.06 -18.54 2.76
N GLN A 36 -8.36 -18.76 3.03
CA GLN A 36 -8.76 -19.49 4.25
C GLN A 36 -8.48 -20.97 4.12
N LYS A 37 -8.67 -21.52 2.93
CA LYS A 37 -8.26 -22.90 2.66
C LYS A 37 -6.77 -23.13 2.80
N MET A 38 -5.96 -22.09 2.71
CA MET A 38 -4.54 -22.25 2.91
C MET A 38 -4.10 -22.00 4.33
N LYS A 39 -4.98 -21.50 5.19
CA LYS A 39 -4.65 -21.46 6.59
C LYS A 39 -4.80 -22.91 7.12
N VAL A 40 -5.74 -23.68 6.57
CA VAL A 40 -5.88 -25.04 7.01
C VAL A 40 -4.74 -25.89 6.48
N VAL A 41 -4.38 -25.75 5.20
CA VAL A 41 -3.28 -26.54 4.63
C VAL A 41 -1.96 -26.20 5.26
N GLU A 42 -1.85 -24.97 5.74
CA GLU A 42 -0.64 -24.60 6.43
C GLU A 42 -0.68 -25.21 7.81
N ASN A 43 -1.82 -25.14 8.48
CA ASN A 43 -1.89 -25.78 9.80
C ASN A 43 -1.52 -27.25 9.72
N LEU A 44 -1.97 -27.94 8.69
CA LEU A 44 -1.74 -29.36 8.60
C LEU A 44 -0.29 -29.74 8.41
N GLN A 45 0.44 -29.02 7.59
CA GLN A 45 1.81 -29.39 7.38
C GLN A 45 2.67 -28.97 8.56
N ASP A 46 2.26 -27.92 9.26
CA ASP A 46 2.93 -27.59 10.52
C ASP A 46 2.77 -28.73 11.49
N ASP A 47 1.54 -29.22 11.64
CA ASP A 47 1.24 -30.37 12.51
C ASP A 47 2.09 -31.58 12.15
N PHE A 48 2.12 -31.94 10.90
CA PHE A 48 2.98 -33.02 10.45
C PHE A 48 4.44 -32.80 10.80
N ASP A 49 5.01 -31.73 10.29
CA ASP A 49 6.43 -31.43 10.46
C ASP A 49 6.80 -31.40 11.95
N PHE A 50 5.96 -30.76 12.77
CA PHE A 50 6.25 -30.64 14.20
C PHE A 50 6.29 -32.00 14.88
N ASN A 51 5.28 -32.81 14.59
CA ASN A 51 5.21 -34.16 15.14
C ASN A 51 6.30 -35.10 14.64
N TYR A 52 6.69 -35.01 13.38
CA TYR A 52 7.80 -35.82 12.90
C TYR A 52 9.09 -35.49 13.64
N LYS A 53 9.41 -34.21 13.75
CA LYS A 53 10.65 -33.82 14.41
C LYS A 53 10.56 -34.12 15.90
N THR A 54 9.42 -33.84 16.53
CA THR A 54 9.23 -34.20 17.93
C THR A 54 9.49 -35.70 18.15
N LEU A 55 8.81 -36.55 17.36
CA LEU A 55 8.91 -38.01 17.45
C LEU A 55 10.19 -38.52 16.88
N LYS A 56 11.02 -37.65 16.31
CA LYS A 56 12.32 -38.08 15.78
C LYS A 56 13.42 -37.74 16.74
N SER A 57 13.40 -36.54 17.31
CA SER A 57 14.36 -36.19 18.36
C SER A 57 14.16 -37.10 19.58
N GLN A 58 12.92 -37.57 19.78
CA GLN A 58 12.59 -38.54 20.84
C GLN A 58 13.02 -39.99 20.52
N GLY A 59 12.80 -40.44 19.28
CA GLY A 59 13.24 -41.78 18.80
C GLY A 59 14.71 -41.82 18.37
N ASP A 60 15.41 -40.72 18.74
CA ASP A 60 16.85 -40.48 18.62
C ASP A 60 17.47 -40.30 19.99
N MET A 61 16.95 -39.34 20.76
CA MET A 61 17.56 -38.95 22.05
C MET A 61 17.47 -40.04 23.11
N GLN A 62 16.37 -40.81 23.07
CA GLN A 62 16.17 -41.89 24.05
C GLN A 62 16.80 -43.22 23.63
N ASP A 63 17.26 -43.34 22.39
CA ASP A 63 18.06 -44.50 22.00
C ASP A 63 19.30 -44.61 22.92
N LEU A 64 19.85 -43.48 23.36
CA LEU A 64 20.90 -43.44 24.41
C LEU A 64 20.44 -44.17 25.70
N ASN A 67 16.49 -47.75 24.98
CA ASN A 67 15.09 -47.37 25.26
C ASN A 67 14.37 -47.12 23.91
N ASN A 68 14.16 -48.24 23.22
CA ASN A 68 13.87 -48.32 21.78
C ASN A 68 12.40 -48.50 21.46
N GLN A 69 11.53 -48.13 22.39
CA GLN A 69 10.11 -48.38 22.29
C GLN A 69 9.32 -47.13 22.59
N SER A 70 9.96 -45.97 22.40
CA SER A 70 9.30 -44.71 22.61
C SER A 70 8.26 -44.41 21.49
N VAL A 71 8.67 -44.64 20.23
CA VAL A 71 7.87 -44.15 19.10
C VAL A 71 7.21 -45.35 18.45
N THR A 72 5.88 -45.36 18.56
CA THR A 72 5.08 -46.50 18.13
C THR A 72 4.95 -46.45 16.60
N ARG A 73 4.87 -47.60 15.96
CA ARG A 73 4.58 -47.63 14.54
C ARG A 73 3.19 -47.05 14.24
N GLN A 74 2.26 -47.13 15.20
CA GLN A 74 0.94 -46.52 15.01
C GLN A 74 1.08 -45.05 14.70
N LYS A 75 2.00 -44.39 15.38
CA LYS A 75 2.15 -42.94 15.29
C LYS A 75 2.91 -42.49 14.07
N MET A 76 3.56 -43.41 13.39
CA MET A 76 4.18 -43.10 12.11
C MET A 76 3.36 -43.61 10.95
N GLN A 77 2.39 -44.47 11.19
CA GLN A 77 1.34 -44.65 10.21
C GLN A 77 0.44 -43.44 10.25
N GLN A 78 0.20 -42.93 11.45
CA GLN A 78 -0.69 -41.82 11.63
C GLN A 78 -0.09 -40.57 10.98
N LEU A 79 1.23 -40.50 10.91
CA LEU A 79 1.90 -39.38 10.27
C LEU A 79 1.89 -39.54 8.79
N GLU A 80 2.27 -40.72 8.32
CA GLU A 80 2.26 -41.00 6.89
C GLU A 80 0.90 -40.65 6.34
N GLN A 81 -0.16 -40.92 7.08
CA GLN A 81 -1.52 -40.71 6.55
C GLN A 81 -1.90 -39.24 6.54
N MET A 82 -1.28 -38.41 7.37
CA MET A 82 -1.59 -36.99 7.33
C MET A 82 -0.77 -36.26 6.31
N LEU A 83 0.42 -36.76 6.00
CA LEU A 83 1.12 -36.31 4.82
C LEU A 83 0.25 -36.55 3.58
N THR A 84 -0.28 -37.75 3.42
CA THR A 84 -1.18 -38.03 2.30
C THR A 84 -2.36 -37.08 2.25
N ALA A 85 -2.92 -36.73 3.40
CA ALA A 85 -4.10 -35.84 3.46
C ALA A 85 -3.77 -34.49 2.92
N LEU A 86 -2.64 -33.93 3.33
CA LEU A 86 -2.35 -32.57 2.92
C LEU A 86 -1.88 -32.52 1.47
N ASP A 87 -1.32 -33.60 0.95
CA ASP A 87 -1.06 -33.70 -0.48
C ASP A 87 -2.37 -33.75 -1.28
N GLN A 88 -3.36 -34.49 -0.80
CA GLN A 88 -4.71 -34.42 -1.39
C GLN A 88 -5.34 -33.03 -1.31
N MET A 89 -4.86 -32.23 -0.37
CA MET A 89 -5.37 -30.91 -0.18
C MET A 89 -4.60 -29.91 -1.05
N ARG A 90 -3.28 -29.97 -0.98
CA ARG A 90 -2.42 -29.31 -1.96
C ARG A 90 -2.93 -29.53 -3.36
N ARG A 91 -3.21 -30.78 -3.71
CA ARG A 91 -3.78 -31.11 -5.01
C ARG A 91 -5.04 -30.26 -5.26
N SER A 92 -6.01 -30.30 -4.37
CA SER A 92 -7.25 -29.59 -4.57
C SER A 92 -7.00 -28.10 -4.75
N ILE A 93 -6.20 -27.54 -3.85
CA ILE A 93 -5.90 -26.08 -3.84
C ILE A 93 -5.31 -25.66 -5.19
N VAL A 94 -4.28 -26.35 -5.65
CA VAL A 94 -3.65 -25.96 -6.88
C VAL A 94 -4.56 -25.96 -8.11
N SER A 95 -5.57 -26.78 -8.11
CA SER A 95 -6.47 -26.78 -9.22
C SER A 95 -7.57 -25.75 -8.98
N GLU A 96 -7.98 -25.50 -7.73
CA GLU A 96 -8.92 -24.40 -7.50
C GLU A 96 -8.24 -23.10 -7.91
N LEU A 97 -6.93 -23.03 -7.67
CA LEU A 97 -6.16 -21.85 -8.01
C LEU A 97 -6.14 -21.61 -9.49
N ALA A 98 -5.68 -22.59 -10.24
CA ALA A 98 -5.78 -22.53 -11.72
C ALA A 98 -7.25 -22.29 -12.17
N GLY A 99 -8.19 -22.80 -11.42
CA GLY A 99 -9.57 -22.49 -11.68
C GLY A 99 -9.80 -21.02 -11.54
N LEU A 100 -9.29 -20.40 -10.48
CA LEU A 100 -9.43 -18.96 -10.26
C LEU A 100 -8.76 -18.19 -11.37
N LEU A 101 -7.58 -18.61 -11.77
CA LEU A 101 -6.85 -17.90 -12.81
C LEU A 101 -7.61 -17.80 -14.12
N SER A 102 -8.32 -18.84 -14.48
CA SER A 102 -9.09 -18.81 -15.69
C SER A 102 -10.23 -17.81 -15.56
N ALA A 103 -10.90 -17.80 -14.41
CA ALA A 103 -12.00 -16.87 -14.18
C ALA A 103 -11.52 -15.44 -14.33
N MET A 104 -10.28 -15.20 -13.91
CA MET A 104 -9.75 -13.87 -13.86
C MET A 104 -9.24 -13.46 -15.22
N GLU A 105 -8.78 -14.40 -16.04
CA GLU A 105 -8.41 -14.08 -17.42
C GLU A 105 -9.62 -13.65 -18.28
N TYR A 106 -10.75 -14.28 -18.03
CA TYR A 106 -11.99 -13.93 -18.70
C TYR A 106 -12.44 -12.52 -18.30
N VAL A 107 -12.55 -12.27 -17.01
CA VAL A 107 -12.98 -10.96 -16.55
C VAL A 107 -12.09 -9.84 -17.13
N GLN A 108 -10.81 -10.15 -17.31
CA GLN A 108 -9.83 -9.17 -17.76
C GLN A 108 -9.89 -8.87 -19.25
N LYS A 109 -10.19 -9.86 -20.08
CA LYS A 109 -10.44 -9.54 -21.49
C LYS A 109 -11.76 -8.77 -21.55
N THR A 110 -12.73 -9.10 -20.71
CA THR A 110 -14.01 -8.39 -20.73
C THR A 110 -13.83 -6.93 -20.27
N LEU A 111 -12.79 -6.65 -19.50
CA LEU A 111 -12.45 -5.26 -19.10
C LEU A 111 -11.62 -4.57 -20.15
N THR A 112 -10.45 -5.15 -20.44
CA THR A 112 -9.50 -4.59 -21.38
C THR A 112 -10.04 -4.45 -22.80
N ASP A 113 -10.47 -5.58 -23.35
CA ASP A 113 -10.87 -5.67 -24.75
C ASP A 113 -12.28 -5.13 -25.04
N GLU A 114 -13.12 -4.92 -24.01
CA GLU A 114 -14.47 -4.41 -24.22
C GLU A 114 -14.69 -3.08 -23.51
N GLU A 115 -15.01 -3.11 -22.21
CA GLU A 115 -15.39 -1.87 -21.49
C GLU A 115 -14.34 -0.76 -21.58
N LEU A 116 -13.05 -1.12 -21.58
CA LEU A 116 -11.98 -0.14 -21.64
C LEU A 116 -11.82 0.37 -23.06
N ALA A 117 -11.84 -0.54 -24.03
CA ALA A 117 -11.76 -0.18 -25.47
C ALA A 117 -12.96 0.68 -25.90
N ASP A 118 -14.13 0.46 -25.31
CA ASP A 118 -15.27 1.41 -25.46
C ASP A 118 -14.97 2.83 -24.94
N TRP A 119 -14.27 2.93 -23.83
CA TRP A 119 -13.89 4.25 -23.32
C TRP A 119 -12.79 4.82 -24.20
N LYS A 120 -11.77 4.02 -24.56
CA LYS A 120 -10.67 4.55 -25.38
C LYS A 120 -11.23 5.16 -26.68
N ARG A 121 -12.37 4.64 -27.14
CA ARG A 121 -13.08 5.19 -28.30
C ARG A 121 -14.02 6.36 -28.02
N ARG A 122 -14.89 6.24 -27.03
CA ARG A 122 -15.75 7.35 -26.68
C ARG A 122 -14.85 8.58 -26.47
N GLN A 123 -13.61 8.37 -26.08
CA GLN A 123 -12.61 9.46 -25.95
C GLN A 123 -12.23 10.08 -27.27
N GLN A 124 -11.96 9.23 -28.27
CA GLN A 124 -11.72 9.70 -29.65
C GLN A 124 -12.88 10.59 -30.14
N ILE A 125 -14.11 10.10 -29.96
CA ILE A 125 -15.26 10.86 -30.39
C ILE A 125 -15.30 12.20 -29.66
N ALA A 126 -15.10 12.17 -28.35
CA ALA A 126 -15.09 13.41 -27.57
C ALA A 126 -14.10 14.42 -28.12
N CYS A 127 -12.94 13.94 -28.55
CA CYS A 127 -11.86 14.79 -29.05
C CYS A 127 -12.23 15.59 -30.26
N ILE A 128 -13.02 15.00 -31.14
CA ILE A 128 -13.43 15.69 -32.36
C ILE A 128 -14.87 16.20 -32.27
N GLY A 129 -15.40 16.39 -31.06
CA GLY A 129 -16.68 17.12 -30.87
C GLY A 129 -17.80 16.19 -30.41
N GLY A 130 -18.86 16.76 -29.82
CA GLY A 130 -19.97 15.91 -29.37
C GLY A 130 -19.63 14.84 -28.31
N PRO A 131 -20.63 14.03 -27.91
CA PRO A 131 -20.60 13.14 -26.78
C PRO A 131 -19.33 13.13 -25.94
N PRO A 132 -19.29 14.01 -24.90
CA PRO A 132 -18.17 14.00 -23.95
C PRO A 132 -18.38 12.81 -23.03
N ASN A 133 -17.34 11.99 -22.84
CA ASN A 133 -17.50 10.62 -22.34
C ASN A 133 -17.80 10.56 -20.86
N ILE A 134 -18.08 9.35 -20.45
CA ILE A 134 -18.08 8.98 -19.05
C ILE A 134 -16.67 9.27 -18.47
N CYS A 135 -16.63 9.84 -17.27
CA CYS A 135 -15.39 9.84 -16.56
C CYS A 135 -14.97 8.39 -16.28
N LEU A 136 -13.68 8.23 -16.04
CA LEU A 136 -13.10 6.94 -15.77
C LEU A 136 -13.37 6.39 -14.36
N ASP A 137 -13.98 7.18 -13.49
CA ASP A 137 -14.17 6.76 -12.11
C ASP A 137 -14.69 5.33 -11.99
N ARG A 138 -15.80 5.00 -12.61
CA ARG A 138 -16.33 3.67 -12.38
C ARG A 138 -15.58 2.61 -13.18
N LEU A 139 -14.85 2.99 -14.22
CA LEU A 139 -13.93 2.05 -14.89
C LEU A 139 -12.72 1.74 -14.00
N GLU A 140 -12.32 2.72 -13.22
CA GLU A 140 -11.20 2.58 -12.29
C GLU A 140 -11.55 1.63 -11.18
N ASN A 141 -12.75 1.73 -10.64
CA ASN A 141 -13.13 0.87 -9.53
C ASN A 141 -13.22 -0.59 -9.90
N TRP A 142 -13.55 -0.89 -11.16
CA TRP A 142 -13.58 -2.26 -11.64
C TRP A 142 -12.17 -2.76 -11.81
N ILE A 143 -11.30 -1.94 -12.36
CA ILE A 143 -9.91 -2.36 -12.55
C ILE A 143 -9.21 -2.58 -11.21
N THR A 144 -9.48 -1.70 -10.23
CA THR A 144 -8.85 -1.91 -8.92
C THR A 144 -9.43 -3.17 -8.30
N SER A 145 -10.75 -3.35 -8.35
CA SER A 145 -11.36 -4.55 -7.74
C SER A 145 -10.74 -5.83 -8.27
N LEU A 146 -10.39 -5.85 -9.53
CA LEU A 146 -9.78 -7.04 -10.09
C LEU A 146 -8.29 -7.08 -9.68
N ALA A 147 -7.61 -5.93 -9.59
CA ALA A 147 -6.18 -5.93 -9.25
C ALA A 147 -5.97 -6.34 -7.81
N GLU A 148 -6.85 -5.91 -6.90
CA GLU A 148 -6.75 -6.35 -5.49
C GLU A 148 -6.94 -7.86 -5.40
N SER A 149 -7.97 -8.38 -6.06
CA SER A 149 -8.15 -9.82 -6.20
C SER A 149 -6.89 -10.51 -6.73
N GLN A 150 -6.29 -9.98 -7.77
CA GLN A 150 -5.08 -10.58 -8.32
C GLN A 150 -3.93 -10.53 -7.32
N LEU A 151 -3.84 -9.46 -6.56
CA LEU A 151 -2.76 -9.33 -5.59
C LEU A 151 -2.94 -10.39 -4.53
N GLN A 152 -4.14 -10.47 -3.98
CA GLN A 152 -4.43 -11.47 -2.94
C GLN A 152 -4.02 -12.85 -3.45
N THR A 153 -4.35 -13.11 -4.72
CA THR A 153 -4.01 -14.36 -5.37
C THR A 153 -2.48 -14.51 -5.52
N ARG A 154 -1.78 -13.45 -5.87
CA ARG A 154 -0.31 -13.50 -5.95
C ARG A 154 0.33 -13.91 -4.62
N GLN A 155 -0.28 -13.46 -3.51
CA GLN A 155 0.29 -13.68 -2.19
C GLN A 155 0.16 -15.14 -1.79
N GLN A 156 -0.98 -15.74 -2.13
CA GLN A 156 -1.23 -17.16 -1.87
C GLN A 156 -0.39 -18.08 -2.79
N ILE A 157 -0.05 -17.66 -4.00
CA ILE A 157 0.85 -18.44 -4.86
C ILE A 157 2.31 -18.32 -4.41
N LYS A 158 2.62 -17.26 -3.67
CA LYS A 158 3.94 -17.15 -3.02
C LYS A 158 3.88 -17.97 -1.75
N LYS A 159 2.73 -17.92 -1.05
CA LYS A 159 2.51 -18.80 0.12
C LYS A 159 2.85 -20.25 -0.18
N LEU A 160 2.52 -20.72 -1.38
CA LEU A 160 2.79 -22.10 -1.73
C LEU A 160 4.26 -22.35 -1.91
N GLU A 161 5.00 -21.37 -2.42
CA GLU A 161 6.46 -21.50 -2.48
C GLU A 161 7.02 -21.70 -1.07
N GLU A 162 6.46 -20.99 -0.08
CA GLU A 162 6.91 -21.07 1.33
C GLU A 162 6.66 -22.46 1.87
N LEU A 163 5.45 -22.94 1.64
CA LEU A 163 5.07 -24.25 2.15
C LEU A 163 5.98 -25.31 1.58
N GLN A 164 6.24 -25.24 0.28
CA GLN A 164 7.13 -26.23 -0.33
C GLN A 164 8.55 -26.32 0.26
N GLN A 165 9.15 -25.21 0.63
CA GLN A 165 10.54 -25.25 1.16
C GLN A 165 10.56 -26.01 2.50
N LYS A 166 9.49 -25.72 3.26
CA LYS A 166 9.26 -26.31 4.57
C LYS A 166 8.94 -27.82 4.51
N VAL A 167 7.99 -28.20 3.67
CA VAL A 167 7.53 -29.58 3.58
C VAL A 167 7.32 -29.94 2.11
N SER A 168 8.07 -30.93 1.62
CA SER A 168 7.87 -31.44 0.24
C SER A 168 8.26 -32.92 0.19
N TYR A 169 8.15 -33.51 -1.00
CA TYR A 169 8.20 -34.94 -1.23
C TYR A 169 8.09 -35.27 -2.74
N LYS A 170 8.35 -36.51 -3.14
CA LYS A 170 8.62 -36.77 -4.56
C LYS A 170 7.53 -36.29 -5.48
N GLY A 171 6.26 -36.46 -5.13
CA GLY A 171 5.21 -35.95 -6.05
C GLY A 171 4.60 -34.55 -5.94
N ASP A 172 5.31 -33.58 -5.35
CA ASP A 172 4.63 -32.41 -4.73
C ASP A 172 3.76 -31.71 -5.76
N PRO A 173 2.46 -31.55 -5.51
CA PRO A 173 1.64 -30.78 -6.45
C PRO A 173 2.16 -29.33 -6.68
N ILE A 174 2.82 -28.78 -5.68
CA ILE A 174 3.35 -27.47 -5.80
C ILE A 174 4.55 -27.50 -6.74
N VAL A 175 5.49 -28.39 -6.53
CA VAL A 175 6.71 -28.34 -7.34
C VAL A 175 6.41 -28.41 -8.83
N GLN A 176 5.33 -29.09 -9.17
CA GLN A 176 4.97 -29.35 -10.53
C GLN A 176 4.08 -28.24 -11.10
N HIS A 177 3.07 -27.79 -10.37
CA HIS A 177 2.05 -26.88 -10.93
C HIS A 177 2.17 -25.40 -10.55
N ARG A 178 2.88 -25.09 -9.48
CA ARG A 178 3.00 -23.71 -9.02
C ARG A 178 3.70 -22.88 -10.06
N PRO A 179 4.79 -23.38 -10.67
CA PRO A 179 5.48 -22.54 -11.64
C PRO A 179 4.58 -21.97 -12.75
N MET A 180 3.59 -22.70 -13.25
CA MET A 180 2.66 -22.11 -14.19
C MET A 180 1.64 -21.24 -13.53
N LEU A 181 1.23 -21.55 -12.32
CA LEU A 181 0.36 -20.64 -11.60
C LEU A 181 1.02 -19.23 -11.46
N GLU A 182 2.32 -19.19 -11.20
CA GLU A 182 3.02 -17.95 -11.05
C GLU A 182 3.04 -17.26 -12.37
N GLU A 183 3.53 -17.94 -13.41
CA GLU A 183 3.58 -17.38 -14.79
C GLU A 183 2.25 -16.69 -15.08
N ARG A 184 1.15 -17.36 -14.81
CA ARG A 184 -0.18 -16.87 -15.17
C ARG A 184 -0.53 -15.62 -14.42
N ILE A 185 -0.39 -15.64 -13.10
CA ILE A 185 -0.86 -14.48 -12.30
C ILE A 185 0.03 -13.27 -12.53
N VAL A 186 1.26 -13.48 -12.97
CA VAL A 186 2.13 -12.36 -13.29
C VAL A 186 1.77 -11.72 -14.62
N GLU A 187 1.64 -12.52 -15.69
CA GLU A 187 1.16 -11.98 -16.97
C GLU A 187 -0.16 -11.23 -16.74
N LEU A 188 -1.04 -11.79 -15.92
CA LEU A 188 -2.32 -11.14 -15.67
C LEU A 188 -2.11 -9.77 -15.07
N PHE A 189 -1.29 -9.70 -14.02
CA PHE A 189 -1.12 -8.46 -13.26
C PHE A 189 -0.36 -7.43 -14.07
N ARG A 190 0.73 -7.85 -14.70
CA ARG A 190 1.50 -6.95 -15.56
C ARG A 190 0.63 -6.36 -16.64
N ASN A 191 -0.14 -7.20 -17.32
CA ASN A 191 -0.99 -6.70 -18.39
C ASN A 191 -2.09 -5.78 -17.88
N LEU A 192 -2.72 -6.11 -16.76
CA LEU A 192 -3.80 -5.25 -16.24
C LEU A 192 -3.23 -3.89 -15.89
N MET A 193 -1.97 -3.83 -15.48
CA MET A 193 -1.44 -2.54 -15.14
C MET A 193 -1.02 -1.72 -16.35
N LYS A 194 -0.45 -2.36 -17.35
CA LYS A 194 -0.16 -1.67 -18.61
C LYS A 194 -1.45 -1.12 -19.20
N SER A 195 -2.54 -1.84 -19.06
CA SER A 195 -3.82 -1.41 -19.61
C SER A 195 -4.46 -0.33 -18.82
N ALA A 196 -4.08 -0.23 -17.56
CA ALA A 196 -4.66 0.79 -16.70
C ALA A 196 -3.92 2.12 -16.81
N PHE A 197 -2.84 2.15 -17.62
CA PHE A 197 -2.01 3.33 -17.80
C PHE A 197 -2.48 4.04 -19.06
N VAL A 198 -3.38 5.02 -18.87
CA VAL A 198 -4.03 5.64 -19.98
C VAL A 198 -3.85 7.15 -20.01
N VAL A 199 -3.83 7.72 -21.22
CA VAL A 199 -3.86 9.16 -21.38
C VAL A 199 -5.28 9.65 -21.17
N GLU A 200 -5.47 10.48 -20.15
CA GLU A 200 -6.79 10.87 -19.69
C GLU A 200 -7.27 12.07 -20.41
N ARG A 201 -6.35 13.01 -20.64
CA ARG A 201 -6.58 14.25 -21.40
C ARG A 201 -5.46 14.33 -22.47
N GLN A 202 -5.88 14.39 -23.74
CA GLN A 202 -4.93 14.18 -24.83
C GLN A 202 -4.16 15.46 -25.05
N PRO A 203 -2.97 15.36 -25.64
CA PRO A 203 -2.17 16.56 -25.78
C PRO A 203 -2.93 17.65 -26.47
N CYS A 204 -2.74 18.89 -26.01
CA CYS A 204 -3.45 20.02 -26.53
C CYS A 204 -2.88 21.32 -26.06
N MET A 205 -2.79 22.26 -26.99
CA MET A 205 -2.35 23.62 -26.68
C MET A 205 -3.47 24.39 -25.97
N PRO A 206 -3.19 25.06 -24.83
CA PRO A 206 -4.31 25.52 -24.01
C PRO A 206 -5.11 26.61 -24.62
N MET A 207 -4.49 27.35 -25.55
CA MET A 207 -5.19 28.47 -26.17
C MET A 207 -5.89 28.09 -27.47
N HIS A 208 -5.87 26.81 -27.87
CA HIS A 208 -6.75 26.27 -28.91
C HIS A 208 -7.33 25.00 -28.34
N PRO A 209 -8.26 25.16 -27.41
CA PRO A 209 -8.88 23.98 -26.78
C PRO A 209 -9.65 23.12 -27.71
N ASP A 210 -10.28 23.70 -28.73
CA ASP A 210 -11.15 22.93 -29.60
C ASP A 210 -10.36 22.11 -30.59
N ARG A 211 -9.03 22.22 -30.56
CA ARG A 211 -8.15 21.57 -31.53
C ARG A 211 -7.10 20.67 -30.82
N PRO A 212 -7.59 19.63 -30.11
CA PRO A 212 -6.67 18.68 -29.53
C PRO A 212 -5.92 17.93 -30.60
N LEU A 213 -4.79 17.38 -30.23
CA LEU A 213 -3.97 16.60 -31.15
C LEU A 213 -3.42 17.39 -32.30
N VAL A 214 -3.41 18.71 -32.19
CA VAL A 214 -2.63 19.58 -33.09
C VAL A 214 -1.70 20.41 -32.21
N ILE A 215 -0.41 20.30 -32.46
CA ILE A 215 0.61 20.98 -31.64
C ILE A 215 1.49 21.83 -32.53
N LYS A 216 1.49 23.14 -32.30
CA LYS A 216 2.39 24.07 -32.99
C LYS A 216 3.68 24.08 -32.24
N THR A 217 4.77 24.17 -32.98
CA THR A 217 6.09 24.16 -32.38
C THR A 217 6.23 25.44 -31.55
N GLY A 218 7.01 25.35 -30.47
CA GLY A 218 7.27 26.51 -29.61
C GLY A 218 6.13 27.03 -28.78
N VAL A 219 4.95 26.45 -28.93
CA VAL A 219 3.83 26.73 -28.06
C VAL A 219 3.74 25.65 -26.97
N GLN A 220 3.43 26.12 -25.76
CA GLN A 220 3.12 25.28 -24.62
C GLN A 220 1.85 24.48 -24.83
N PHE A 221 1.91 23.15 -24.57
CA PHE A 221 0.73 22.27 -24.54
C PHE A 221 0.74 21.48 -23.26
N THR A 222 -0.37 20.78 -23.01
CA THR A 222 -0.51 20.02 -21.79
C THR A 222 -1.12 18.66 -22.06
N THR A 223 -0.79 17.68 -21.21
CA THR A 223 -1.43 16.37 -21.28
C THR A 223 -1.44 15.74 -19.94
N LYS A 224 -2.37 14.82 -19.71
CA LYS A 224 -2.52 14.17 -18.39
C LYS A 224 -2.73 12.64 -18.49
N VAL A 225 -1.95 11.89 -17.70
CA VAL A 225 -2.07 10.43 -17.63
C VAL A 225 -2.62 10.03 -16.25
N ARG A 226 -3.33 8.91 -16.23
CA ARG A 226 -3.92 8.31 -15.03
C ARG A 226 -3.46 6.85 -14.98
N LEU A 227 -3.39 6.29 -13.77
CA LEU A 227 -3.22 4.87 -13.58
C LEU A 227 -4.37 4.37 -12.74
N LEU A 228 -5.13 3.48 -13.36
CA LEU A 228 -6.43 3.07 -12.86
C LEU A 228 -6.38 1.93 -11.82
N VAL A 229 -5.18 1.57 -11.38
CA VAL A 229 -5.04 0.75 -10.20
C VAL A 229 -4.84 1.68 -9.00
N LYS A 230 -5.91 1.90 -8.23
CA LYS A 230 -5.92 2.82 -7.12
C LYS A 230 -5.27 2.17 -5.86
N PHE A 231 -3.96 1.91 -5.97
CA PHE A 231 -3.19 1.35 -4.86
C PHE A 231 -2.37 2.45 -4.21
N PRO A 232 -2.64 2.79 -2.93
CA PRO A 232 -1.79 3.82 -2.29
C PRO A 232 -0.31 3.47 -2.17
N GLU A 233 0.03 2.21 -2.05
CA GLU A 233 1.43 1.73 -2.19
C GLU A 233 2.22 2.47 -3.29
N LEU A 234 1.51 3.04 -4.26
CA LEU A 234 2.12 3.61 -5.44
C LEU A 234 2.23 5.15 -5.52
N ASN A 235 1.60 5.83 -4.58
CA ASN A 235 1.70 7.25 -4.50
C ASN A 235 3.15 7.70 -4.49
N TYR A 236 3.47 8.72 -5.27
CA TYR A 236 4.81 9.27 -5.40
C TYR A 236 5.88 8.25 -5.76
N GLN A 237 5.45 7.08 -6.29
CA GLN A 237 6.42 6.01 -6.62
C GLN A 237 6.75 5.88 -8.06
N LEU A 238 5.96 6.49 -8.93
CA LEU A 238 6.17 6.31 -10.37
C LEU A 238 6.51 7.61 -11.04
N LYS A 239 7.68 7.68 -11.67
CA LYS A 239 8.04 8.89 -12.41
C LYS A 239 7.81 8.64 -13.89
N ILE A 240 6.90 9.41 -14.46
CA ILE A 240 6.52 9.33 -15.84
C ILE A 240 7.50 10.19 -16.68
N LYS A 241 8.17 9.60 -17.65
CA LYS A 241 8.96 10.36 -18.60
C LYS A 241 8.14 10.44 -19.88
N VAL A 242 7.87 11.67 -20.30
CA VAL A 242 7.20 11.92 -21.58
C VAL A 242 8.21 12.18 -22.70
N CYS A 243 7.89 11.74 -23.90
CA CYS A 243 8.69 12.16 -25.04
C CYS A 243 7.86 12.09 -26.31
N ILE A 244 8.52 12.30 -27.43
CA ILE A 244 7.89 12.20 -28.75
C ILE A 244 8.88 11.57 -29.73
N ASP A 245 8.31 10.75 -30.62
CA ASP A 245 9.08 10.06 -31.65
C ASP A 245 10.17 9.19 -31.04
N LYS A 246 9.74 8.27 -30.18
CA LYS A 246 10.58 7.21 -29.65
C LYS A 246 10.71 6.10 -30.71
N ASP A 247 11.88 5.43 -30.72
CA ASP A 247 12.25 4.37 -31.73
C ASP A 247 12.76 5.01 -33.00
N ARG A 255 11.69 7.09 -40.25
CA ARG A 255 10.86 6.12 -40.98
C ARG A 255 10.58 6.68 -42.40
N GLY A 256 11.46 7.59 -42.86
CA GLY A 256 11.25 8.44 -44.04
C GLY A 256 10.49 9.72 -43.72
N SER A 257 10.72 10.31 -42.53
CA SER A 257 9.83 11.36 -41.99
C SER A 257 10.51 12.27 -40.92
N ARG A 258 9.82 13.33 -40.49
CA ARG A 258 10.42 14.37 -39.60
C ARG A 258 10.45 13.92 -38.16
N LYS A 259 11.40 14.41 -37.39
CA LYS A 259 11.54 14.12 -35.97
C LYS A 259 11.46 15.41 -35.12
N PHE A 260 10.84 15.31 -33.94
CA PHE A 260 10.85 16.37 -32.92
C PHE A 260 11.37 15.95 -31.54
N ASN A 261 11.49 16.95 -30.67
CA ASN A 261 11.85 16.76 -29.24
C ASN A 261 10.88 17.54 -28.39
N ILE A 262 10.73 17.10 -27.14
CA ILE A 262 9.98 17.85 -26.16
C ILE A 262 10.96 18.69 -25.35
N LEU A 263 10.59 19.93 -25.11
CA LEU A 263 11.31 20.82 -24.24
C LEU A 263 10.40 21.19 -23.12
N GLY A 264 11.03 21.40 -21.97
CA GLY A 264 10.36 21.84 -20.76
C GLY A 264 10.51 20.85 -19.63
N THR A 265 9.41 20.61 -18.94
CA THR A 265 9.38 19.70 -17.81
C THR A 265 8.71 18.39 -18.19
N ASN A 266 9.58 17.41 -18.20
CA ASN A 266 9.62 16.28 -19.07
C ASN A 266 9.39 15.00 -18.25
N THR A 267 9.54 15.08 -16.95
CA THR A 267 9.20 14.06 -15.99
C THR A 267 8.22 14.63 -14.96
N LYS A 268 7.28 13.82 -14.53
CA LYS A 268 6.34 14.20 -13.50
C LYS A 268 6.08 12.94 -12.66
N VAL A 269 5.73 13.13 -11.39
CA VAL A 269 5.62 12.02 -10.46
C VAL A 269 4.18 11.88 -10.01
N MET A 270 3.57 10.73 -10.28
CA MET A 270 2.15 10.54 -10.06
C MET A 270 1.85 10.61 -8.60
N ASN A 271 0.92 11.50 -8.26
CA ASN A 271 0.44 11.64 -6.91
C ASN A 271 -1.07 11.36 -6.90
N MET A 272 -1.71 11.43 -5.72
CA MET A 272 -3.15 11.22 -5.55
C MET A 272 -3.90 12.42 -5.00
N GLU A 273 -3.24 13.52 -4.61
CA GLU A 273 -3.97 14.68 -4.06
C GLU A 273 -4.45 15.66 -5.14
N GLU A 274 -4.07 15.39 -6.40
CA GLU A 274 -4.40 16.27 -7.55
C GLU A 274 -5.83 16.07 -8.03
N SER A 275 -6.31 14.83 -7.96
CA SER A 275 -7.66 14.48 -8.42
C SER A 275 -8.62 14.18 -7.25
N ASN A 276 -9.87 14.63 -7.43
CA ASN A 276 -10.87 14.78 -6.37
C ASN A 276 -11.25 13.45 -5.70
N ASN A 277 -11.40 12.39 -6.50
CA ASN A 277 -11.67 11.06 -5.96
C ASN A 277 -10.37 10.40 -5.51
N GLY A 278 -9.27 11.17 -5.39
CA GLY A 278 -7.97 10.63 -4.92
C GLY A 278 -7.32 9.58 -5.80
N SER A 279 -7.47 9.78 -7.12
CA SER A 279 -7.04 8.83 -8.11
C SER A 279 -5.61 9.15 -8.51
N LEU A 280 -4.86 8.14 -8.94
CA LEU A 280 -3.44 8.31 -9.31
C LEU A 280 -3.20 9.00 -10.64
N SER A 281 -3.05 10.32 -10.67
CA SER A 281 -2.86 11.06 -11.95
C SER A 281 -1.48 11.70 -12.02
N ALA A 282 -1.11 12.20 -13.18
CA ALA A 282 0.09 13.02 -13.36
C ALA A 282 -0.05 14.00 -14.53
N GLU A 283 -0.06 15.29 -14.24
CA GLU A 283 -0.39 16.30 -15.26
C GLU A 283 0.84 16.97 -15.74
N PHE A 284 1.10 16.94 -17.04
CA PHE A 284 2.20 17.68 -17.66
C PHE A 284 1.64 18.96 -18.24
N LYS A 285 2.10 20.10 -17.72
CA LYS A 285 1.75 21.38 -18.32
C LYS A 285 2.84 22.22 -18.91
N HIS A 286 4.07 21.73 -18.90
CA HIS A 286 5.17 22.57 -19.33
C HIS A 286 5.91 21.89 -20.42
N LEU A 287 5.22 21.68 -21.55
CA LEU A 287 5.78 20.98 -22.68
C LEU A 287 5.67 21.82 -23.95
N THR A 288 6.72 21.78 -24.76
CA THR A 288 6.69 22.42 -26.08
C THR A 288 7.44 21.56 -27.07
N LEU A 289 7.24 21.78 -28.37
CA LEU A 289 7.99 21.00 -29.38
C LEU A 289 9.00 21.80 -30.22
N ARG A 290 10.12 21.17 -30.55
CA ARG A 290 11.19 21.77 -31.36
C ARG A 290 11.55 20.73 -32.39
N GLU A 291 11.66 21.11 -33.66
CA GLU A 291 12.09 20.17 -34.72
C GLU A 291 13.59 19.92 -34.67
N GLN A 292 13.99 18.71 -35.04
CA GLN A 292 15.36 18.23 -34.95
C GLN A 292 15.82 17.88 -36.36
N ARG A 293 17.12 17.98 -36.66
CA ARG A 293 17.59 17.94 -38.07
C ARG A 293 18.03 16.54 -38.53
N CYS A 294 17.86 16.29 -39.84
CA CYS A 294 18.14 14.97 -40.51
C CYS A 294 18.13 15.19 -42.05
N GLY A 295 18.20 14.10 -42.85
CA GLY A 295 18.17 14.17 -44.32
C GLY A 295 16.89 14.73 -44.96
N SER A 305 7.95 11.98 -46.98
CA SER A 305 6.71 11.25 -47.25
C SER A 305 5.61 11.91 -46.45
N LEU A 306 4.57 12.39 -47.16
CA LEU A 306 3.40 13.04 -46.57
C LEU A 306 3.64 14.53 -46.26
N ILE A 307 2.81 15.41 -46.82
CA ILE A 307 2.76 16.81 -46.39
C ILE A 307 2.59 16.85 -44.87
N VAL A 308 3.03 17.94 -44.26
CA VAL A 308 3.16 17.96 -42.81
C VAL A 308 1.83 17.88 -42.07
N THR A 309 0.78 18.36 -42.69
CA THR A 309 -0.52 18.25 -42.06
C THR A 309 -1.13 16.87 -42.11
N GLU A 310 -0.44 15.91 -42.73
CA GLU A 310 -0.83 14.49 -42.75
C GLU A 310 0.19 13.61 -42.04
N GLU A 311 1.33 14.15 -41.65
CA GLU A 311 2.36 13.40 -40.94
C GLU A 311 2.04 13.35 -39.46
N LEU A 312 1.98 12.12 -38.96
CA LEU A 312 1.50 11.84 -37.63
C LEU A 312 2.60 11.42 -36.70
N HIS A 313 2.49 11.88 -35.45
CA HIS A 313 3.42 11.50 -34.40
C HIS A 313 2.73 10.97 -33.17
N LEU A 314 3.50 10.21 -32.40
CA LEU A 314 3.07 9.78 -31.08
C LEU A 314 3.87 10.42 -29.94
N ILE A 315 3.16 10.92 -28.95
CA ILE A 315 3.73 11.32 -27.67
C ILE A 315 3.60 10.10 -26.71
N THR A 316 4.75 9.50 -26.33
CA THR A 316 4.77 8.34 -25.43
C THR A 316 5.13 8.72 -23.98
N PHE A 317 4.50 8.02 -23.05
CA PHE A 317 4.72 8.15 -21.63
C PHE A 317 5.22 6.80 -21.09
N GLU A 318 6.39 6.78 -20.47
CA GLU A 318 6.94 5.56 -19.91
C GLU A 318 7.18 5.73 -18.41
N THR A 319 6.94 4.64 -17.67
CA THR A 319 7.47 4.51 -16.31
C THR A 319 7.76 3.07 -15.96
N GLU A 320 8.30 2.82 -14.77
CA GLU A 320 8.56 1.46 -14.25
C GLU A 320 8.04 1.40 -12.82
N VAL A 321 7.40 0.31 -12.44
CA VAL A 321 6.99 0.17 -11.03
C VAL A 321 7.52 -1.13 -10.50
N TYR A 322 7.97 -1.11 -9.24
CA TYR A 322 8.37 -2.32 -8.52
C TYR A 322 7.34 -2.54 -7.45
N HIS A 323 6.51 -3.57 -7.62
CA HIS A 323 5.45 -3.89 -6.66
C HIS A 323 5.61 -5.27 -6.08
N GLN A 324 5.85 -5.29 -4.77
CA GLN A 324 6.14 -6.50 -4.00
C GLN A 324 7.01 -7.47 -4.79
N GLY A 325 8.09 -6.98 -5.38
CA GLY A 325 9.11 -7.80 -6.00
C GLY A 325 8.98 -7.94 -7.52
N LEU A 326 7.86 -7.49 -8.06
CA LEU A 326 7.58 -7.56 -9.49
C LEU A 326 8.01 -6.27 -10.17
N LYS A 327 8.86 -6.33 -11.18
CA LYS A 327 9.10 -5.18 -12.04
C LYS A 327 8.00 -5.16 -13.09
N ILE A 328 7.51 -3.98 -13.46
CA ILE A 328 6.42 -3.85 -14.42
C ILE A 328 6.64 -2.62 -15.26
N ASP A 329 7.23 -2.78 -16.44
CA ASP A 329 7.40 -1.66 -17.36
C ASP A 329 6.05 -1.17 -17.88
N LEU A 330 5.84 0.14 -17.90
CA LEU A 330 4.63 0.73 -18.46
C LEU A 330 4.98 1.66 -19.59
N GLU A 331 4.05 1.78 -20.54
CA GLU A 331 4.20 2.60 -21.72
C GLU A 331 2.82 2.73 -22.29
N THR A 332 2.34 3.94 -22.42
CA THR A 332 1.14 4.20 -23.20
C THR A 332 1.51 5.37 -24.09
N HIS A 333 0.63 5.76 -24.99
CA HIS A 333 0.93 6.90 -25.85
C HIS A 333 -0.33 7.67 -26.22
N SER A 334 -0.10 8.86 -26.73
CA SER A 334 -1.22 9.69 -27.11
C SER A 334 -1.89 9.05 -28.31
N LEU A 335 -2.99 9.62 -28.70
CA LEU A 335 -3.51 9.42 -30.03
C LEU A 335 -2.52 10.11 -30.99
N PRO A 336 -2.53 9.75 -32.28
CA PRO A 336 -1.58 10.42 -33.19
C PRO A 336 -1.84 11.91 -33.27
N VAL A 337 -0.77 12.68 -33.39
CA VAL A 337 -0.90 14.13 -33.42
C VAL A 337 -0.18 14.75 -34.60
N VAL A 338 -0.78 15.81 -35.14
CA VAL A 338 -0.20 16.57 -36.23
C VAL A 338 0.60 17.71 -35.64
N VAL A 339 1.79 17.96 -36.19
CA VAL A 339 2.71 18.97 -35.66
C VAL A 339 3.00 19.97 -36.75
N ILE A 340 2.82 21.25 -36.43
CA ILE A 340 2.76 22.31 -37.43
C ILE A 340 3.67 23.47 -37.02
N SER A 341 4.12 24.23 -38.03
CA SER A 341 5.06 25.35 -37.89
C SER A 341 4.33 26.62 -37.55
N ASN A 342 3.17 26.79 -38.19
CA ASN A 342 2.45 28.06 -38.18
C ASN A 342 0.94 27.82 -38.18
N ILE A 343 0.22 28.74 -37.55
CA ILE A 343 -1.19 28.60 -37.30
C ILE A 343 -2.07 28.65 -38.54
N CYS A 344 -1.55 29.19 -39.64
CA CYS A 344 -2.23 29.03 -40.92
C CYS A 344 -2.42 27.53 -41.29
N GLN A 345 -1.69 26.60 -40.68
CA GLN A 345 -1.73 25.20 -41.03
C GLN A 345 -2.78 24.43 -40.29
N MET A 346 -3.49 25.07 -39.37
CA MET A 346 -4.35 24.32 -38.49
C MET A 346 -5.61 23.76 -39.14
N PRO A 347 -6.24 24.51 -40.07
CA PRO A 347 -7.40 23.87 -40.67
C PRO A 347 -7.05 22.56 -41.37
N ASN A 348 -5.91 22.48 -42.06
CA ASN A 348 -5.54 21.20 -42.67
C ASN A 348 -5.23 20.13 -41.63
N ALA A 349 -4.55 20.54 -40.56
CA ALA A 349 -4.21 19.63 -39.47
C ALA A 349 -5.46 19.05 -38.82
N TRP A 350 -6.38 19.90 -38.41
CA TRP A 350 -7.63 19.43 -37.85
C TRP A 350 -8.37 18.52 -38.80
N ALA A 351 -8.34 18.82 -40.09
CA ALA A 351 -8.92 17.92 -41.07
C ALA A 351 -8.39 16.52 -40.93
N SER A 352 -7.07 16.43 -40.81
CA SER A 352 -6.41 15.14 -40.59
C SER A 352 -6.86 14.44 -39.32
N ILE A 353 -7.01 15.19 -38.24
CA ILE A 353 -7.46 14.62 -36.99
C ILE A 353 -8.90 14.15 -37.09
N LEU A 354 -9.74 14.96 -37.73
CA LEU A 354 -11.12 14.54 -37.98
C LEU A 354 -11.16 13.25 -38.80
N TRP A 355 -10.35 13.19 -39.85
CA TRP A 355 -10.43 12.07 -40.75
C TRP A 355 -9.98 10.82 -40.02
N TYR A 356 -8.89 10.95 -39.24
CA TYR A 356 -8.33 9.82 -38.47
C TYR A 356 -9.35 9.26 -37.50
N ASN A 357 -9.80 10.12 -36.61
CA ASN A 357 -10.60 9.67 -35.49
C ASN A 357 -12.02 9.32 -35.86
N MET A 358 -12.54 9.87 -36.96
CA MET A 358 -13.87 9.51 -37.43
C MET A 358 -13.89 8.08 -37.89
N LEU A 359 -12.75 7.61 -38.41
CA LEU A 359 -12.72 6.43 -39.25
C LEU A 359 -12.01 5.20 -38.74
N THR A 360 -10.95 5.35 -37.94
CA THR A 360 -10.26 4.22 -37.36
C THR A 360 -10.33 4.28 -35.83
N ASN A 361 -10.01 3.18 -35.18
CA ASN A 361 -9.91 3.16 -33.71
C ASN A 361 -8.57 2.63 -33.20
N ASN A 362 -7.70 2.32 -34.14
CA ASN A 362 -6.33 2.01 -33.86
C ASN A 362 -5.62 3.28 -33.36
N PRO A 363 -5.08 3.25 -32.12
CA PRO A 363 -4.45 4.48 -31.64
C PRO A 363 -3.06 4.76 -32.16
N LYS A 364 -2.46 3.85 -32.90
CA LYS A 364 -1.06 4.05 -33.21
C LYS A 364 -0.69 4.07 -34.71
N ASN A 365 -1.65 4.40 -35.58
CA ASN A 365 -1.36 4.32 -37.00
C ASN A 365 -0.77 5.59 -37.61
N VAL A 366 0.52 5.75 -37.45
CA VAL A 366 1.17 6.94 -37.91
C VAL A 366 1.10 7.09 -39.42
N ASN A 367 1.00 5.97 -40.14
CA ASN A 367 1.03 5.96 -41.59
C ASN A 367 -0.38 5.86 -42.23
N PHE A 368 -1.38 6.24 -41.46
CA PHE A 368 -2.78 6.31 -41.89
C PHE A 368 -2.95 7.04 -43.21
N PHE A 369 -2.22 8.14 -43.41
CA PHE A 369 -2.45 8.98 -44.58
C PHE A 369 -1.71 8.56 -45.86
N THR A 370 -1.02 7.42 -45.85
CA THR A 370 -0.40 6.92 -47.08
C THR A 370 -1.49 6.25 -47.93
N LYS A 371 -2.44 5.54 -47.28
CA LYS A 371 -3.64 5.08 -47.98
C LYS A 371 -4.89 5.40 -47.15
N PRO A 372 -5.28 6.67 -47.09
CA PRO A 372 -6.47 7.05 -46.30
C PRO A 372 -7.68 6.27 -46.70
N PRO A 373 -8.53 5.89 -45.74
CA PRO A 373 -9.79 5.21 -46.09
C PRO A 373 -10.86 6.19 -46.52
N ILE A 374 -12.03 5.67 -46.86
CA ILE A 374 -13.15 6.50 -47.29
C ILE A 374 -14.25 6.47 -46.24
N GLY A 375 -15.06 7.52 -46.21
CA GLY A 375 -16.10 7.62 -45.24
C GLY A 375 -17.41 7.80 -45.92
N THR A 376 -18.46 7.43 -45.24
CA THR A 376 -19.80 7.63 -45.74
C THR A 376 -20.26 9.02 -45.32
N TRP A 377 -21.12 9.66 -46.10
CA TRP A 377 -21.69 10.95 -45.67
C TRP A 377 -22.40 10.79 -44.34
N ASP A 378 -23.08 9.67 -44.12
CA ASP A 378 -23.92 9.60 -42.92
C ASP A 378 -23.09 9.81 -41.64
N GLN A 379 -21.81 9.44 -41.72
CA GLN A 379 -20.86 9.64 -40.61
C GLN A 379 -20.17 11.01 -40.69
N VAL A 380 -19.77 11.43 -41.88
CA VAL A 380 -19.28 12.80 -42.06
C VAL A 380 -20.30 13.88 -41.60
N ALA A 381 -21.57 13.65 -41.85
CA ALA A 381 -22.56 14.61 -41.44
C ALA A 381 -22.59 14.82 -39.95
N GLU A 382 -22.47 13.75 -39.19
CA GLU A 382 -22.54 13.89 -37.73
C GLU A 382 -21.31 14.63 -37.19
N VAL A 383 -20.16 14.47 -37.87
CA VAL A 383 -18.93 15.11 -37.45
C VAL A 383 -18.96 16.61 -37.71
N LEU A 384 -19.54 17.03 -38.83
CA LEU A 384 -19.67 18.44 -39.17
C LEU A 384 -20.64 19.09 -38.23
N SER A 385 -21.81 18.50 -38.02
CA SER A 385 -22.72 19.04 -37.01
C SER A 385 -22.01 19.16 -35.64
N TRP A 386 -21.06 18.28 -35.36
CA TRP A 386 -20.28 18.37 -34.12
C TRP A 386 -19.35 19.53 -34.11
N GLN A 387 -18.71 19.86 -35.23
CA GLN A 387 -17.83 21.03 -35.26
C GLN A 387 -18.59 22.31 -34.94
N PHE A 388 -19.92 22.29 -35.02
CA PHE A 388 -20.76 23.41 -34.64
C PHE A 388 -21.50 23.29 -33.27
N SER A 389 -21.64 22.07 -32.72
CA SER A 389 -22.21 21.86 -31.36
C SER A 389 -21.10 21.94 -30.29
N SER A 390 -19.93 21.41 -30.61
CA SER A 390 -18.69 21.54 -29.84
C SER A 390 -18.34 22.99 -29.46
N THR A 391 -18.70 23.93 -30.32
CA THR A 391 -18.19 25.29 -30.21
C THR A 391 -19.25 26.33 -29.97
N THR A 392 -20.53 25.97 -30.11
CA THR A 392 -21.62 26.93 -30.05
C THR A 392 -22.88 26.26 -29.56
N LYS A 393 -23.92 27.07 -29.38
CA LYS A 393 -25.18 26.56 -28.88
C LYS A 393 -26.02 25.76 -29.89
N ARG A 394 -25.69 25.74 -31.17
CA ARG A 394 -26.55 24.97 -32.14
C ARG A 394 -25.65 24.40 -33.21
N GLY A 395 -25.93 23.17 -33.59
CA GLY A 395 -25.18 22.50 -34.64
C GLY A 395 -25.87 22.78 -35.97
N LEU A 396 -25.84 21.79 -36.86
CA LEU A 396 -26.30 21.98 -38.23
C LEU A 396 -27.57 21.23 -38.43
N SER A 397 -28.44 21.86 -39.24
CA SER A 397 -29.79 21.38 -39.58
C SER A 397 -29.72 20.42 -40.74
N ILE A 398 -30.85 19.86 -41.14
CA ILE A 398 -30.81 18.94 -42.27
C ILE A 398 -30.74 19.71 -43.59
N GLU A 399 -31.48 20.82 -43.68
CA GLU A 399 -31.28 21.68 -44.85
C GLU A 399 -29.80 22.13 -44.95
N GLN A 400 -29.23 22.60 -43.83
CA GLN A 400 -27.83 23.08 -43.83
C GLN A 400 -26.90 21.94 -44.24
N LEU A 401 -27.26 20.72 -43.89
CA LEU A 401 -26.37 19.60 -44.11
C LEU A 401 -26.43 19.13 -45.54
N THR A 402 -27.65 19.03 -46.07
CA THR A 402 -27.79 18.55 -47.45
C THR A 402 -27.17 19.52 -48.42
N THR A 403 -27.16 20.82 -48.13
CA THR A 403 -26.45 21.73 -49.03
C THR A 403 -24.92 21.60 -48.93
N LEU A 404 -24.38 21.11 -47.80
CA LEU A 404 -22.95 20.75 -47.77
C LEU A 404 -22.67 19.44 -48.46
N ALA A 405 -23.66 18.55 -48.48
CA ALA A 405 -23.55 17.35 -49.31
C ALA A 405 -23.30 17.69 -50.78
N GLU A 406 -24.08 18.63 -51.34
CA GLU A 406 -23.91 19.01 -52.73
C GLU A 406 -22.49 19.53 -53.00
N LYS A 407 -21.88 20.21 -52.01
CA LYS A 407 -20.53 20.70 -52.17
C LYS A 407 -19.50 19.60 -52.31
N LEU A 408 -19.73 18.47 -51.62
CA LEU A 408 -18.77 17.37 -51.61
C LEU A 408 -18.94 16.34 -52.74
N LEU A 409 -20.17 16.14 -53.19
CA LEU A 409 -20.49 15.04 -54.11
C LEU A 409 -20.92 15.48 -55.51
N GLY A 410 -21.81 16.46 -55.55
CA GLY A 410 -22.53 16.84 -56.75
C GLY A 410 -24.01 16.73 -56.43
N PRO A 411 -24.86 17.01 -57.44
CA PRO A 411 -26.31 17.16 -57.17
C PRO A 411 -27.04 15.85 -56.89
N GLY A 412 -28.12 15.96 -56.15
CA GLY A 412 -28.94 14.82 -55.74
C GLY A 412 -29.79 15.14 -54.50
N VAL A 413 -30.54 14.15 -54.02
CA VAL A 413 -31.28 14.22 -52.73
C VAL A 413 -31.22 12.87 -52.00
N ASN A 414 -31.16 12.91 -50.66
CA ASN A 414 -30.96 11.72 -49.81
C ASN A 414 -29.64 11.01 -50.09
N TYR A 415 -28.57 11.54 -49.51
CA TYR A 415 -27.23 11.05 -49.77
C TYR A 415 -26.84 9.79 -48.96
N SER A 416 -27.75 9.28 -48.14
CA SER A 416 -27.42 8.37 -47.03
C SER A 416 -26.21 7.39 -47.20
N GLY A 417 -26.17 6.71 -48.32
CA GLY A 417 -25.09 5.80 -48.59
C GLY A 417 -23.82 6.41 -49.14
N CYS A 418 -23.91 7.59 -49.76
CA CYS A 418 -22.83 8.09 -50.63
C CYS A 418 -21.50 8.08 -49.90
N GLN A 419 -20.44 7.84 -50.63
CA GLN A 419 -19.15 7.76 -50.03
C GLN A 419 -18.28 8.97 -50.37
N ILE A 420 -17.36 9.27 -49.46
CA ILE A 420 -16.60 10.52 -49.44
C ILE A 420 -15.11 10.22 -49.28
N THR A 421 -14.31 10.71 -50.21
CA THR A 421 -12.88 10.52 -50.14
C THR A 421 -12.23 11.65 -49.33
N TRP A 422 -11.07 11.31 -48.76
CA TRP A 422 -10.19 12.30 -48.14
C TRP A 422 -9.84 13.40 -49.11
N ALA A 423 -9.70 13.03 -50.38
CA ALA A 423 -9.41 14.02 -51.44
C ALA A 423 -10.57 15.02 -51.64
N LYS A 424 -11.79 14.51 -51.70
CA LYS A 424 -12.98 15.37 -51.78
C LYS A 424 -13.15 16.24 -50.53
N PHE A 425 -12.68 15.77 -49.38
CA PHE A 425 -12.94 16.47 -48.12
C PHE A 425 -11.92 17.57 -47.76
N CYS A 426 -10.65 17.34 -48.09
CA CYS A 426 -9.56 18.31 -47.83
C CYS A 426 -8.51 17.87 -48.87
N LYS A 427 -7.29 18.34 -48.81
CA LYS A 427 -6.26 17.83 -49.79
C LYS A 427 -6.46 18.21 -51.25
N GLU A 428 -7.66 18.04 -51.78
CA GLU A 428 -7.93 18.56 -53.10
C GLU A 428 -8.92 19.69 -52.96
N ASN A 429 -8.78 20.67 -53.83
CA ASN A 429 -9.71 21.78 -53.87
C ASN A 429 -11.07 21.31 -54.37
N MET A 430 -12.01 22.23 -54.47
CA MET A 430 -13.39 21.89 -54.48
C MET A 430 -13.96 22.54 -55.71
N ALA A 431 -14.97 21.92 -56.32
CA ALA A 431 -15.88 22.58 -57.27
C ALA A 431 -15.20 23.71 -58.11
N GLY A 432 -13.97 23.42 -58.53
CA GLY A 432 -13.12 24.37 -59.29
C GLY A 432 -12.96 25.78 -58.69
N LYS A 433 -12.75 25.84 -57.37
CA LYS A 433 -12.37 27.06 -56.62
C LYS A 433 -10.96 26.81 -56.10
N GLY A 434 -10.35 27.83 -55.51
CA GLY A 434 -8.94 27.73 -55.11
C GLY A 434 -8.65 27.06 -53.78
N PHE A 435 -9.58 26.34 -53.18
CA PHE A 435 -9.42 25.87 -51.81
C PHE A 435 -10.20 24.60 -51.50
N SER A 436 -9.74 23.88 -50.46
CA SER A 436 -10.42 22.66 -49.90
C SER A 436 -11.84 22.95 -49.41
N PHE A 437 -12.66 21.91 -49.34
CA PHE A 437 -13.93 21.97 -48.58
C PHE A 437 -13.73 22.30 -47.12
N TRP A 438 -12.94 21.47 -46.43
CA TRP A 438 -12.72 21.60 -44.98
C TRP A 438 -12.13 22.99 -44.62
N VAL A 439 -11.13 23.44 -45.35
CA VAL A 439 -10.54 24.73 -45.01
C VAL A 439 -11.59 25.85 -45.04
N TRP A 440 -12.43 25.85 -46.07
CA TRP A 440 -13.52 26.81 -46.22
C TRP A 440 -14.41 26.86 -44.97
N LEU A 441 -14.66 25.69 -44.41
CA LEU A 441 -15.63 25.50 -43.35
C LEU A 441 -15.06 25.79 -41.98
N ASP A 442 -13.80 25.40 -41.79
CA ASP A 442 -13.02 25.74 -40.57
C ASP A 442 -12.98 27.24 -40.44
N ASN A 443 -12.69 27.91 -41.55
CA ASN A 443 -12.60 29.35 -41.55
C ASN A 443 -13.95 29.99 -41.30
N ILE A 444 -15.01 29.36 -41.79
CA ILE A 444 -16.36 29.86 -41.51
C ILE A 444 -16.68 29.71 -40.03
N ILE A 445 -16.35 28.56 -39.46
CA ILE A 445 -16.58 28.32 -38.05
C ILE A 445 -15.78 29.34 -37.22
N ASP A 446 -14.53 29.56 -37.58
CA ASP A 446 -13.70 30.56 -36.92
C ASP A 446 -14.37 31.93 -36.92
N LEU A 447 -14.99 32.26 -38.04
CA LEU A 447 -15.71 33.52 -38.11
C LEU A 447 -16.94 33.51 -37.22
N VAL A 448 -17.67 32.41 -37.19
CA VAL A 448 -18.86 32.30 -36.33
C VAL A 448 -18.55 32.38 -34.84
N LYS A 449 -17.40 31.81 -34.48
CA LYS A 449 -16.94 31.83 -33.09
C LYS A 449 -16.64 33.24 -32.61
N LYS A 450 -15.84 33.98 -33.37
CA LYS A 450 -15.21 35.21 -32.86
C LYS A 450 -16.01 36.46 -33.09
N TYR A 451 -16.71 36.53 -34.20
CA TYR A 451 -17.64 37.65 -34.54
C TYR A 451 -18.97 36.99 -34.49
N ILE A 452 -20.07 37.69 -34.71
CA ILE A 452 -21.33 37.01 -35.07
C ILE A 452 -21.85 35.70 -34.33
N LEU A 453 -21.36 35.41 -33.15
CA LEU A 453 -21.70 34.16 -32.46
C LEU A 453 -23.12 34.20 -31.88
N ALA A 454 -23.47 35.34 -31.33
CA ALA A 454 -24.82 35.51 -30.81
C ALA A 454 -25.92 35.24 -31.85
N LEU A 455 -25.65 35.60 -33.10
CA LEU A 455 -26.69 35.60 -34.12
C LEU A 455 -26.80 34.20 -34.66
N TRP A 456 -25.67 33.46 -34.62
CA TRP A 456 -25.65 32.04 -34.98
C TRP A 456 -26.45 31.27 -33.97
N ASN A 457 -26.14 31.50 -32.70
CA ASN A 457 -26.83 30.83 -31.60
C ASN A 457 -28.34 31.01 -31.61
N GLU A 458 -28.82 32.23 -31.77
CA GLU A 458 -30.25 32.47 -31.83
C GLU A 458 -30.91 31.99 -33.15
N GLY A 459 -30.14 31.43 -34.09
CA GLY A 459 -30.66 30.92 -35.38
C GLY A 459 -31.11 32.01 -36.31
N TYR A 460 -30.52 33.19 -36.21
CA TYR A 460 -30.75 34.23 -37.19
C TYR A 460 -29.88 34.07 -38.44
N ILE A 461 -28.91 33.19 -38.41
CA ILE A 461 -28.11 32.89 -39.59
C ILE A 461 -28.51 31.56 -40.22
N MET A 462 -29.08 31.62 -41.42
CA MET A 462 -29.47 30.49 -42.26
C MET A 462 -28.27 29.79 -42.85
N GLY A 463 -27.20 30.53 -42.96
CA GLY A 463 -25.89 29.98 -43.27
C GLY A 463 -25.67 29.26 -44.58
N PHE A 464 -26.21 28.04 -44.70
CA PHE A 464 -25.91 27.17 -45.86
C PHE A 464 -27.18 26.94 -46.70
N ILE A 465 -27.17 27.49 -47.91
CA ILE A 465 -28.36 27.43 -48.73
C ILE A 465 -28.06 27.51 -50.23
N SER A 466 -28.61 26.57 -51.00
CA SER A 466 -28.53 26.62 -52.48
C SER A 466 -28.95 28.01 -52.93
N LYS A 467 -28.47 28.48 -54.08
CA LYS A 467 -29.04 29.70 -54.64
C LYS A 467 -30.52 29.52 -55.04
N GLU A 468 -30.88 28.32 -55.48
CA GLU A 468 -32.24 28.03 -55.96
C GLU A 468 -33.27 27.97 -54.81
N ARG A 469 -32.91 27.30 -53.69
CA ARG A 469 -33.75 27.39 -52.49
C ARG A 469 -33.70 28.77 -51.91
N GLU A 470 -32.56 29.44 -52.00
CA GLU A 470 -32.47 30.86 -51.62
C GLU A 470 -33.53 31.69 -52.36
N ARG A 471 -33.76 31.36 -53.64
CA ARG A 471 -34.73 32.10 -54.43
C ARG A 471 -36.15 31.64 -54.16
N ALA A 472 -36.37 30.33 -54.25
CA ALA A 472 -37.69 29.75 -54.04
C ALA A 472 -38.26 30.17 -52.67
N ILE A 473 -37.39 30.13 -51.67
CA ILE A 473 -37.73 30.45 -50.28
C ILE A 473 -38.24 31.89 -50.15
N LEU A 474 -37.61 32.83 -50.85
CA LEU A 474 -37.81 34.25 -50.58
C LEU A 474 -38.89 34.85 -51.48
N SER A 475 -38.99 34.35 -52.71
CA SER A 475 -40.10 34.69 -53.63
C SER A 475 -41.50 34.64 -53.03
N THR A 476 -41.81 33.61 -52.26
CA THR A 476 -43.07 33.59 -51.51
C THR A 476 -43.24 34.90 -50.74
N LYS A 477 -42.16 35.45 -50.17
CA LYS A 477 -42.25 36.52 -49.18
C LYS A 477 -42.06 37.91 -49.82
N PRO A 478 -42.41 39.00 -49.06
CA PRO A 478 -42.42 40.39 -49.57
C PRO A 478 -41.07 40.98 -49.96
N PRO A 479 -41.08 42.09 -50.72
CA PRO A 479 -39.81 42.57 -51.29
C PRO A 479 -38.73 43.13 -50.30
N GLY A 480 -39.12 43.48 -49.09
CA GLY A 480 -38.13 43.72 -48.06
C GLY A 480 -37.30 42.52 -47.58
N THR A 481 -37.90 41.33 -47.54
CA THR A 481 -37.39 40.24 -46.70
C THR A 481 -36.01 39.77 -47.17
N PHE A 482 -35.18 39.35 -46.22
CA PHE A 482 -33.78 39.01 -46.44
C PHE A 482 -33.25 37.92 -45.51
N LEU A 483 -32.07 37.40 -45.84
CA LEU A 483 -31.53 36.24 -45.18
C LEU A 483 -30.02 36.41 -45.10
N LEU A 484 -29.41 35.71 -44.14
CA LEU A 484 -27.96 35.78 -43.91
C LEU A 484 -27.31 34.44 -44.28
N ARG A 485 -26.24 34.47 -45.07
CA ARG A 485 -25.56 33.24 -45.50
C ARG A 485 -24.08 33.48 -45.59
N PHE A 486 -23.31 32.40 -45.71
CA PHE A 486 -21.87 32.51 -45.77
C PHE A 486 -21.40 32.56 -47.23
N SER A 487 -20.30 33.26 -47.45
CA SER A 487 -19.67 33.32 -48.78
C SER A 487 -19.13 31.96 -49.20
N GLU A 488 -19.26 31.64 -50.48
CA GLU A 488 -18.62 30.48 -51.09
C GLU A 488 -17.41 30.91 -51.94
N SER A 489 -17.04 32.21 -51.91
CA SER A 489 -16.08 32.78 -52.86
C SER A 489 -14.66 32.81 -52.34
N SER A 490 -14.49 32.59 -51.03
CA SER A 490 -13.26 32.89 -50.32
C SER A 490 -12.94 31.75 -49.38
N LYS A 491 -11.70 31.26 -49.46
CA LYS A 491 -11.10 30.47 -48.38
C LYS A 491 -11.42 31.13 -47.02
N GLU A 492 -11.04 32.43 -46.92
CA GLU A 492 -11.12 33.30 -45.72
C GLU A 492 -12.39 33.20 -44.91
N GLY A 493 -13.53 33.00 -45.57
CA GLY A 493 -14.81 32.80 -44.87
C GLY A 493 -15.36 34.14 -44.42
N GLY A 494 -16.53 34.49 -44.96
CA GLY A 494 -17.20 35.72 -44.59
C GLY A 494 -18.69 35.47 -44.65
N VAL A 495 -19.47 36.45 -44.24
CA VAL A 495 -20.95 36.39 -44.31
C VAL A 495 -21.47 37.48 -45.21
N THR A 496 -22.74 37.32 -45.60
CA THR A 496 -23.43 38.26 -46.48
C THR A 496 -24.91 38.14 -46.26
N PHE A 497 -25.66 39.01 -46.91
CA PHE A 497 -27.09 38.95 -46.86
C PHE A 497 -27.62 39.05 -48.26
N THR A 498 -28.86 38.64 -48.40
CA THR A 498 -29.49 38.50 -49.69
C THR A 498 -30.92 38.95 -49.53
N TRP A 499 -31.41 39.75 -50.46
CA TRP A 499 -32.80 40.17 -50.41
C TRP A 499 -33.44 40.04 -51.77
N VAL A 500 -34.71 40.44 -51.89
CA VAL A 500 -35.48 40.33 -53.13
C VAL A 500 -36.10 41.65 -53.58
N GLU A 501 -35.58 42.23 -54.67
CA GLU A 501 -36.25 43.28 -55.47
C GLU A 501 -37.36 42.47 -56.26
N LYS A 502 -38.43 43.12 -56.75
CA LYS A 502 -39.43 42.46 -57.68
C LYS A 502 -39.61 43.27 -58.99
N ASP A 503 -39.83 42.56 -60.11
CA ASP A 503 -39.75 43.17 -61.50
C ASP A 503 -41.10 43.13 -62.23
N ILE A 504 -41.20 43.81 -63.37
CA ILE A 504 -42.53 43.97 -63.99
C ILE A 504 -43.13 42.68 -64.48
N SER A 505 -42.33 41.77 -65.01
CA SER A 505 -42.89 40.48 -65.38
C SER A 505 -43.52 39.81 -64.14
N GLY A 506 -43.22 40.33 -62.93
CA GLY A 506 -43.69 39.71 -61.68
C GLY A 506 -42.61 38.85 -61.00
N LYS A 507 -41.58 38.44 -61.74
CA LYS A 507 -40.50 37.58 -61.21
C LYS A 507 -39.80 38.24 -60.02
N THR A 508 -39.14 37.42 -59.20
CA THR A 508 -38.34 37.93 -58.07
C THR A 508 -36.87 37.84 -58.40
N GLN A 509 -36.17 38.96 -58.31
CA GLN A 509 -34.74 38.92 -58.47
C GLN A 509 -34.07 38.90 -57.13
N ILE A 510 -32.88 38.33 -57.06
CA ILE A 510 -32.11 38.40 -55.82
C ILE A 510 -30.88 39.24 -55.97
N GLN A 511 -30.53 39.93 -54.89
CA GLN A 511 -29.25 40.61 -54.74
C GLN A 511 -28.53 40.06 -53.58
N SER A 512 -27.20 39.88 -53.72
CA SER A 512 -26.37 39.65 -52.57
C SER A 512 -25.28 40.62 -52.67
N VAL A 513 -24.67 40.88 -51.51
CA VAL A 513 -23.66 41.91 -51.36
C VAL A 513 -22.31 41.26 -51.19
N GLU A 514 -21.26 41.98 -51.52
CA GLU A 514 -19.93 41.41 -51.46
C GLU A 514 -19.73 41.13 -49.99
N PRO A 515 -19.31 39.91 -49.65
CA PRO A 515 -19.42 39.46 -48.28
C PRO A 515 -18.46 40.14 -47.33
N TYR A 516 -18.85 40.18 -46.05
CA TYR A 516 -18.13 40.89 -44.97
C TYR A 516 -17.23 39.87 -44.29
N THR A 517 -15.94 40.16 -44.28
CA THR A 517 -14.90 39.21 -43.82
C THR A 517 -14.43 39.58 -42.39
N LYS A 518 -13.53 38.79 -41.82
CA LYS A 518 -12.94 39.11 -40.51
C LYS A 518 -12.39 40.54 -40.50
N GLN A 519 -11.77 40.91 -41.62
CA GLN A 519 -11.13 42.23 -41.76
C GLN A 519 -12.07 43.42 -41.73
N GLN A 520 -13.34 43.24 -42.06
CA GLN A 520 -14.38 44.30 -41.96
C GLN A 520 -15.07 44.37 -40.62
N LEU A 521 -15.19 43.22 -39.97
CA LEU A 521 -15.97 43.07 -38.76
C LEU A 521 -15.22 43.42 -37.49
N ASN A 522 -13.94 43.75 -37.60
CA ASN A 522 -13.23 44.30 -36.44
C ASN A 522 -13.78 45.68 -36.13
N ASN A 523 -14.11 46.42 -37.18
CA ASN A 523 -14.49 47.85 -37.08
C ASN A 523 -15.98 48.10 -36.93
N MET A 524 -16.81 47.19 -37.41
CA MET A 524 -18.23 47.23 -37.08
C MET A 524 -18.74 45.81 -36.86
N SER A 525 -19.66 45.66 -35.90
CA SER A 525 -20.38 44.39 -35.67
C SER A 525 -21.32 44.14 -36.86
N PHE A 526 -21.47 42.87 -37.22
CA PHE A 526 -22.33 42.54 -38.35
C PHE A 526 -23.75 43.10 -38.17
N ALA A 527 -24.31 43.04 -36.96
CA ALA A 527 -25.69 43.55 -36.77
C ALA A 527 -25.80 45.04 -37.05
N GLU A 528 -24.79 45.80 -36.60
CA GLU A 528 -24.74 47.23 -36.88
C GLU A 528 -24.66 47.47 -38.38
N ILE A 529 -23.86 46.67 -39.08
CA ILE A 529 -23.74 46.74 -40.54
C ILE A 529 -25.12 46.71 -41.20
N ILE A 530 -25.96 45.81 -40.74
CA ILE A 530 -27.26 45.52 -41.35
C ILE A 530 -28.25 46.66 -41.24
N MET A 531 -28.44 47.16 -40.03
CA MET A 531 -29.36 48.30 -39.80
C MET A 531 -28.95 49.55 -40.54
N GLY A 532 -27.68 49.88 -40.45
CA GLY A 532 -27.13 51.06 -41.09
C GLY A 532 -27.05 50.98 -42.60
N TYR A 533 -27.17 49.77 -43.16
CA TYR A 533 -26.96 49.55 -44.58
C TYR A 533 -28.06 50.11 -45.47
N LYS A 534 -27.60 50.72 -46.58
CA LYS A 534 -28.40 51.33 -47.67
C LYS A 534 -27.52 51.32 -48.97
N ILE A 535 -28.17 51.26 -50.13
CA ILE A 535 -27.57 51.42 -51.49
C ILE A 535 -28.51 52.21 -52.43
N MET A 536 -28.20 52.38 -53.71
CA MET A 536 -28.79 53.55 -54.38
C MET A 536 -30.03 53.39 -55.25
N ASP A 537 -30.97 54.34 -55.08
CA ASP A 537 -32.22 54.43 -55.86
C ASP A 537 -32.19 55.69 -56.70
N ALA A 538 -32.34 55.52 -58.02
CA ALA A 538 -32.50 56.65 -58.93
C ALA A 538 -31.30 57.61 -58.75
N THR A 539 -31.27 58.45 -57.72
CA THR A 539 -30.01 59.11 -57.34
C THR A 539 -29.65 59.17 -55.82
N ASN A 540 -30.53 58.77 -54.87
CA ASN A 540 -30.39 58.92 -53.36
C ASN A 540 -30.38 57.55 -52.64
N ILE A 541 -29.59 57.43 -51.52
CA ILE A 541 -29.13 56.11 -50.95
C ILE A 541 -30.32 55.42 -50.27
N LEU A 542 -30.96 54.45 -50.94
CA LEU A 542 -32.40 54.17 -50.71
C LEU A 542 -32.89 54.23 -49.26
N VAL A 543 -32.10 53.93 -48.23
CA VAL A 543 -32.52 53.59 -46.78
C VAL A 543 -32.34 52.06 -46.88
N SER A 544 -32.42 51.25 -45.82
CA SER A 544 -32.06 49.84 -45.99
C SER A 544 -32.87 49.24 -47.20
N PRO A 545 -32.21 48.40 -48.05
CA PRO A 545 -32.96 47.46 -48.90
C PRO A 545 -33.48 46.25 -48.04
N LEU A 546 -32.82 46.06 -46.89
CA LEU A 546 -33.18 45.15 -45.84
C LEU A 546 -34.35 45.79 -45.13
N VAL A 547 -35.39 44.98 -44.90
CA VAL A 547 -36.61 45.31 -44.15
C VAL A 547 -36.99 44.16 -43.19
N TYR A 548 -37.20 42.95 -43.73
CA TYR A 548 -37.54 41.80 -42.88
C TYR A 548 -36.56 40.65 -42.94
N LEU A 549 -36.25 40.10 -41.77
CA LEU A 549 -35.56 38.82 -41.66
C LEU A 549 -36.51 37.68 -41.93
N TYR A 550 -35.95 36.59 -42.49
CA TYR A 550 -36.70 35.71 -43.39
C TYR A 550 -38.16 35.46 -42.99
N PRO A 551 -38.36 34.79 -41.87
CA PRO A 551 -39.73 34.35 -41.64
C PRO A 551 -40.69 35.43 -41.05
N ASP A 552 -40.97 36.50 -41.81
CA ASP A 552 -42.00 37.50 -41.41
C ASP A 552 -41.54 38.48 -40.26
N ILE A 553 -40.22 38.63 -40.01
CA ILE A 553 -39.70 39.32 -38.81
C ILE A 553 -39.07 40.66 -39.15
N PRO A 554 -39.67 41.77 -38.68
CA PRO A 554 -39.04 43.12 -38.83
C PRO A 554 -37.61 43.29 -38.32
N LYS A 555 -36.83 44.04 -39.08
CA LYS A 555 -35.37 44.13 -38.91
C LYS A 555 -34.95 44.64 -37.55
N GLU A 556 -35.59 45.71 -37.04
CA GLU A 556 -35.18 46.26 -35.74
C GLU A 556 -35.41 45.21 -34.65
N GLU A 557 -36.57 44.55 -34.75
CA GLU A 557 -36.98 43.50 -33.82
C GLU A 557 -35.86 42.47 -33.64
N ALA A 558 -35.11 42.18 -34.70
CA ALA A 558 -34.10 41.10 -34.72
C ALA A 558 -32.65 41.51 -34.43
N PHE A 559 -32.27 42.73 -34.79
CA PHE A 559 -30.93 43.22 -34.50
C PHE A 559 -30.89 44.50 -33.65
N GLY A 560 -32.01 44.88 -33.03
CA GLY A 560 -32.02 46.01 -32.07
C GLY A 560 -31.19 45.75 -30.82
N LYS A 561 -31.19 44.50 -30.37
CA LYS A 561 -30.46 44.09 -29.18
C LYS A 561 -28.95 44.39 -29.26
N TYR A 562 -28.39 44.41 -30.48
CA TYR A 562 -26.94 44.37 -30.69
C TYR A 562 -26.36 45.72 -31.15
N CYS A 563 -27.22 46.73 -31.29
CA CYS A 563 -26.75 48.03 -31.78
C CYS A 563 -26.69 49.12 -30.71
N ARG A 564 -26.26 50.31 -31.11
CA ARG A 564 -25.94 51.40 -30.18
C ARG A 564 -27.08 52.44 -30.02
N VAL B 12 -12.21 4.06 28.20
CA VAL B 12 -11.85 5.12 29.19
C VAL B 12 -10.61 5.89 28.76
N VAL B 13 -10.79 7.13 28.33
CA VAL B 13 -9.69 7.92 27.75
C VAL B 13 -9.15 8.94 28.76
N THR B 14 -7.86 8.94 29.00
CA THR B 14 -7.23 9.93 29.87
C THR B 14 -7.24 11.28 29.14
N GLU B 15 -6.76 12.31 29.84
CA GLU B 15 -6.54 13.62 29.24
C GLU B 15 -5.25 13.62 28.43
N LYS B 16 -4.22 12.93 28.94
CA LYS B 16 -2.94 12.73 28.23
C LYS B 16 -3.18 12.14 26.84
N GLN B 17 -4.23 11.33 26.71
CA GLN B 17 -4.57 10.59 25.50
C GLN B 17 -5.43 11.40 24.56
N GLN B 18 -6.48 12.05 25.05
CA GLN B 18 -7.25 12.93 24.16
C GLN B 18 -6.39 14.10 23.66
N MET B 19 -5.31 14.43 24.37
CA MET B 19 -4.38 15.41 23.87
C MET B 19 -3.53 14.83 22.74
N LEU B 20 -2.94 13.68 23.00
CA LEU B 20 -2.28 12.92 21.94
C LEU B 20 -3.17 12.85 20.68
N GLU B 21 -4.44 12.46 20.86
CA GLU B 21 -5.34 12.32 19.72
C GLU B 21 -5.40 13.61 18.94
N GLN B 22 -5.28 14.74 19.64
CA GLN B 22 -5.28 16.04 19.01
C GLN B 22 -3.96 16.35 18.35
N HIS B 23 -2.86 16.02 19.01
CA HIS B 23 -1.56 16.19 18.37
C HIS B 23 -1.44 15.45 17.03
N LEU B 24 -2.02 14.28 16.95
CA LEU B 24 -1.93 13.46 15.75
C LEU B 24 -2.72 14.02 14.60
N GLN B 25 -3.89 14.55 14.91
CA GLN B 25 -4.70 15.24 13.94
C GLN B 25 -4.04 16.58 13.54
N ASP B 26 -3.34 17.23 14.47
CA ASP B 26 -2.60 18.45 14.13
C ASP B 26 -1.41 18.12 13.26
N VAL B 27 -0.70 17.04 13.56
CA VAL B 27 0.40 16.69 12.68
C VAL B 27 -0.12 16.37 11.31
N ARG B 28 -1.27 15.72 11.23
CA ARG B 28 -1.81 15.34 9.94
C ARG B 28 -2.04 16.57 9.11
N LYS B 29 -2.84 17.49 9.62
CA LYS B 29 -3.19 18.65 8.84
C LYS B 29 -1.93 19.47 8.49
N ARG B 30 -0.93 19.44 9.36
CA ARG B 30 0.31 20.16 9.07
C ARG B 30 1.00 19.64 7.82
N VAL B 31 0.99 18.33 7.65
CA VAL B 31 1.61 17.71 6.49
C VAL B 31 0.72 17.82 5.23
N GLN B 32 -0.59 17.79 5.44
CA GLN B 32 -1.51 18.05 4.32
C GLN B 32 -1.24 19.43 3.75
N ASP B 33 -0.97 20.41 4.61
CA ASP B 33 -0.70 21.79 4.17
C ASP B 33 0.60 21.87 3.41
N LEU B 34 1.65 21.21 3.90
CA LEU B 34 2.93 21.20 3.17
C LEU B 34 2.84 20.55 1.82
N GLU B 35 2.12 19.43 1.75
CA GLU B 35 1.91 18.77 0.50
C GLU B 35 1.30 19.72 -0.53
N GLN B 36 0.45 20.66 -0.11
CA GLN B 36 -0.16 21.64 -1.03
C GLN B 36 0.71 22.84 -1.28
N LYS B 37 1.49 23.22 -0.29
CA LYS B 37 2.52 24.22 -0.48
C LYS B 37 3.58 23.80 -1.48
N MET B 38 3.76 22.50 -1.69
CA MET B 38 4.75 22.04 -2.65
C MET B 38 4.19 21.82 -4.02
N LYS B 39 2.89 21.87 -4.19
CA LYS B 39 2.36 21.85 -5.53
C LYS B 39 2.60 23.26 -6.06
N VAL B 40 2.58 24.23 -5.16
CA VAL B 40 2.79 25.61 -5.53
C VAL B 40 4.24 25.84 -5.86
N VAL B 41 5.17 25.41 -5.00
CA VAL B 41 6.59 25.64 -5.26
C VAL B 41 7.09 24.82 -6.47
N GLU B 42 6.39 23.71 -6.76
CA GLU B 42 6.71 22.95 -7.96
C GLU B 42 6.19 23.71 -9.15
N ASN B 43 4.97 24.22 -9.08
CA ASN B 43 4.49 25.01 -10.20
C ASN B 43 5.44 26.13 -10.56
N LEU B 44 5.99 26.79 -9.54
CA LEU B 44 6.77 27.99 -9.78
C LEU B 44 8.07 27.68 -10.47
N GLN B 45 8.73 26.62 -10.07
CA GLN B 45 10.00 26.33 -10.70
C GLN B 45 9.80 25.74 -12.10
N ASP B 46 8.69 25.06 -12.33
CA ASP B 46 8.35 24.66 -13.69
C ASP B 46 8.19 25.91 -14.56
N ASP B 47 7.42 26.88 -14.07
CA ASP B 47 7.21 28.17 -14.80
C ASP B 47 8.56 28.83 -15.13
N PHE B 48 9.43 28.97 -14.16
CA PHE B 48 10.74 29.50 -14.39
C PHE B 48 11.48 28.72 -15.47
N ASP B 49 11.71 27.45 -15.21
CA ASP B 49 12.52 26.60 -16.10
C ASP B 49 11.95 26.63 -17.53
N PHE B 50 10.63 26.52 -17.66
CA PHE B 50 10.01 26.49 -18.96
C PHE B 50 10.28 27.78 -19.70
N ASN B 51 10.05 28.89 -19.02
CA ASN B 51 10.29 30.19 -19.62
C ASN B 51 11.73 30.47 -19.97
N TYR B 52 12.65 30.02 -19.15
CA TYR B 52 14.05 30.21 -19.47
C TYR B 52 14.41 29.46 -20.75
N LYS B 53 14.02 28.21 -20.83
CA LYS B 53 14.39 27.44 -22.00
C LYS B 53 13.66 27.93 -23.23
N THR B 54 12.37 28.23 -23.12
CA THR B 54 11.68 28.79 -24.30
C THR B 54 12.37 30.07 -24.74
N LEU B 55 12.68 30.98 -23.81
CA LEU B 55 13.31 32.27 -24.14
C LEU B 55 14.76 32.12 -24.49
N LYS B 56 15.32 30.94 -24.40
CA LYS B 56 16.71 30.72 -24.78
C LYS B 56 16.79 30.09 -26.14
N SER B 57 15.97 29.06 -26.37
CA SER B 57 15.87 28.49 -27.73
C SER B 57 15.38 29.55 -28.72
N GLN B 58 14.61 30.53 -28.25
CA GLN B 58 14.17 31.68 -29.05
C GLN B 58 15.27 32.75 -29.24
N GLY B 59 16.03 33.07 -28.18
CA GLY B 59 17.19 33.99 -28.26
C GLY B 59 18.45 33.32 -28.80
N ASP B 60 18.25 32.09 -29.29
CA ASP B 60 19.25 31.25 -29.94
C ASP B 60 18.84 31.05 -31.39
N MET B 61 17.64 30.51 -31.62
CA MET B 61 17.17 30.11 -32.96
C MET B 61 16.94 31.29 -33.90
N GLN B 62 16.48 32.41 -33.37
CA GLN B 62 16.27 33.62 -34.18
C GLN B 62 17.55 34.44 -34.37
N ASP B 63 18.59 34.14 -33.60
CA ASP B 63 19.97 34.57 -33.87
C ASP B 63 20.52 33.88 -35.15
N LEU B 64 20.04 32.66 -35.42
CA LEU B 64 20.29 31.98 -36.71
C LEU B 64 19.95 32.93 -37.89
N ASN B 65 18.74 33.50 -37.88
CA ASN B 65 18.22 34.38 -38.97
C ASN B 65 18.59 35.88 -38.80
N GLY B 66 19.70 36.20 -38.11
CA GLY B 66 20.19 37.59 -37.98
C GLY B 66 19.80 38.35 -36.71
N ASN B 67 18.63 37.99 -36.12
CA ASN B 67 17.84 38.75 -35.11
C ASN B 67 18.33 38.70 -33.62
N ASN B 68 18.69 39.88 -33.07
CA ASN B 68 19.39 40.05 -31.78
C ASN B 68 18.54 40.84 -30.76
N GLN B 69 17.25 40.95 -31.06
CA GLN B 69 16.34 41.78 -30.27
C GLN B 69 15.06 41.04 -29.92
N SER B 70 15.11 39.71 -29.92
CA SER B 70 13.95 38.89 -29.58
C SER B 70 13.59 38.94 -28.07
N VAL B 71 14.60 38.75 -27.24
CA VAL B 71 14.38 38.51 -25.80
C VAL B 71 14.76 39.74 -25.02
N THR B 72 13.76 40.34 -24.39
CA THR B 72 13.91 41.64 -23.73
C THR B 72 14.60 41.47 -22.37
N ARG B 73 15.36 42.45 -21.90
CA ARG B 73 15.90 42.40 -20.54
C ARG B 73 14.80 42.44 -19.52
N GLN B 74 13.66 43.04 -19.85
CA GLN B 74 12.54 43.10 -18.91
C GLN B 74 12.14 41.71 -18.53
N LYS B 75 12.16 40.80 -19.50
CA LYS B 75 11.69 39.43 -19.31
C LYS B 75 12.67 38.55 -18.61
N MET B 76 13.89 39.01 -18.46
CA MET B 76 14.87 38.30 -17.68
C MET B 76 15.22 38.93 -16.37
N GLN B 77 14.80 40.17 -16.15
CA GLN B 77 14.64 40.65 -14.81
C GLN B 77 13.42 39.91 -14.20
N GLN B 78 12.35 39.69 -14.99
CA GLN B 78 11.15 39.05 -14.44
C GLN B 78 11.41 37.60 -14.06
N LEU B 79 12.38 36.98 -14.75
CA LEU B 79 12.78 35.60 -14.52
C LEU B 79 13.73 35.49 -13.33
N GLU B 80 14.72 36.36 -13.28
CA GLU B 80 15.59 36.43 -12.12
C GLU B 80 14.71 36.64 -10.89
N GLN B 81 13.63 37.39 -10.98
CA GLN B 81 12.82 37.67 -9.80
C GLN B 81 11.98 36.53 -9.37
N MET B 82 11.60 35.64 -10.29
CA MET B 82 10.74 34.50 -9.92
C MET B 82 11.60 33.35 -9.43
N LEU B 83 12.88 33.31 -9.83
CA LEU B 83 13.85 32.47 -9.14
C LEU B 83 13.97 32.90 -7.68
N THR B 84 14.19 34.19 -7.44
CA THR B 84 14.24 34.70 -6.05
C THR B 84 13.00 34.31 -5.23
N ALA B 85 11.83 34.37 -5.83
CA ALA B 85 10.61 34.07 -5.14
C ALA B 85 10.61 32.65 -4.67
N LEU B 86 10.97 31.73 -5.55
CA LEU B 86 10.84 30.33 -5.19
C LEU B 86 11.93 29.89 -4.27
N ASP B 87 13.06 30.55 -4.29
CA ASP B 87 14.07 30.33 -3.25
C ASP B 87 13.53 30.80 -1.90
N GLN B 88 12.86 31.95 -1.85
CA GLN B 88 12.21 32.39 -0.60
C GLN B 88 11.14 31.41 -0.14
N MET B 89 10.62 30.63 -1.05
CA MET B 89 9.57 29.69 -0.75
C MET B 89 10.20 28.35 -0.33
N ARG B 90 11.15 27.86 -1.12
CA ARG B 90 12.01 26.75 -0.72
C ARG B 90 12.52 26.98 0.70
N ARG B 91 13.05 28.16 0.97
CA ARG B 91 13.49 28.55 2.32
C ARG B 91 12.37 28.30 3.34
N SER B 92 11.20 28.87 3.11
CA SER B 92 10.09 28.72 4.06
C SER B 92 9.76 27.25 4.27
N ILE B 93 9.58 26.54 3.16
CA ILE B 93 9.16 25.14 3.20
C ILE B 93 10.15 24.33 4.03
N VAL B 94 11.45 24.43 3.73
CA VAL B 94 12.37 23.58 4.45
C VAL B 94 12.40 23.84 5.95
N SER B 95 12.01 25.02 6.39
CA SER B 95 12.00 25.25 7.81
C SER B 95 10.64 24.86 8.36
N GLU B 96 9.56 24.99 7.60
CA GLU B 96 8.31 24.44 8.09
C GLU B 96 8.42 22.93 8.23
N LEU B 97 9.17 22.30 7.34
CA LEU B 97 9.39 20.86 7.35
C LEU B 97 10.11 20.43 8.58
N ALA B 98 11.29 20.99 8.81
CA ALA B 98 12.00 20.80 10.09
C ALA B 98 11.09 21.15 11.28
N GLY B 99 10.24 22.13 11.11
CA GLY B 99 9.27 22.42 12.14
C GLY B 99 8.37 21.25 12.36
N LEU B 100 7.89 20.63 11.28
CA LEU B 100 7.06 19.42 11.39
C LEU B 100 7.82 18.29 12.06
N LEU B 101 9.09 18.09 11.69
CA LEU B 101 9.87 16.98 12.24
C LEU B 101 9.99 17.04 13.75
N SER B 102 10.11 18.24 14.30
CA SER B 102 10.20 18.41 15.73
C SER B 102 8.89 18.06 16.39
N ALA B 103 7.79 18.49 15.80
CA ALA B 103 6.45 18.13 16.31
C ALA B 103 6.28 16.62 16.37
N MET B 104 6.85 15.94 15.39
CA MET B 104 6.62 14.53 15.25
C MET B 104 7.54 13.75 16.15
N GLU B 105 8.73 14.28 16.45
CA GLU B 105 9.63 13.65 17.42
C GLU B 105 9.06 13.70 18.85
N TYR B 106 8.37 14.78 19.17
CA TYR B 106 7.68 14.90 20.43
C TYR B 106 6.52 13.89 20.53
N VAL B 107 5.62 13.89 19.57
CA VAL B 107 4.47 12.96 19.61
C VAL B 107 4.95 11.50 19.76
N GLN B 108 6.09 11.19 19.15
CA GLN B 108 6.64 9.83 19.14
C GLN B 108 7.25 9.40 20.47
N LYS B 109 7.86 10.32 21.21
CA LYS B 109 8.25 10.06 22.61
C LYS B 109 7.02 9.81 23.43
N THR B 110 6.00 10.64 23.22
CA THR B 110 4.84 10.48 24.11
C THR B 110 4.08 9.19 23.75
N LEU B 111 4.32 8.63 22.57
CA LEU B 111 3.80 7.28 22.23
C LEU B 111 4.69 6.18 22.73
N THR B 112 5.93 6.14 22.25
CA THR B 112 6.83 5.05 22.59
C THR B 112 7.15 5.02 24.10
N ASP B 113 7.62 6.15 24.63
CA ASP B 113 8.13 6.22 26.02
C ASP B 113 7.02 6.29 27.08
N GLU B 114 5.78 6.59 26.69
CA GLU B 114 4.70 6.67 27.68
C GLU B 114 3.60 5.67 27.37
N GLU B 115 2.68 6.00 26.47
CA GLU B 115 1.49 5.16 26.25
C GLU B 115 1.83 3.71 25.88
N LEU B 116 2.91 3.50 25.14
CA LEU B 116 3.31 2.17 24.73
C LEU B 116 3.98 1.45 25.90
N ALA B 117 4.90 2.12 26.58
CA ALA B 117 5.57 1.56 27.78
C ALA B 117 4.56 1.23 28.89
N ASP B 118 3.50 2.03 29.01
CA ASP B 118 2.37 1.70 29.91
C ASP B 118 1.70 0.37 29.53
N TRP B 119 1.57 0.12 28.23
CA TRP B 119 1.00 -1.15 27.81
C TRP B 119 2.01 -2.25 28.03
N LYS B 120 3.29 -2.03 27.67
CA LYS B 120 4.30 -3.09 27.83
C LYS B 120 4.28 -3.58 29.28
N ARG B 121 3.94 -2.68 30.19
CA ARG B 121 3.82 -3.02 31.61
C ARG B 121 2.51 -3.62 32.03
N ARG B 122 1.39 -3.00 31.67
CA ARG B 122 0.12 -3.63 31.96
C ARG B 122 0.16 -5.08 31.50
N GLN B 123 0.92 -5.36 30.45
CA GLN B 123 1.09 -6.71 29.95
C GLN B 123 1.81 -7.58 30.93
N GLN B 124 2.90 -7.06 31.49
CA GLN B 124 3.60 -7.78 32.57
C GLN B 124 2.65 -8.15 33.72
N ILE B 125 1.87 -7.18 34.18
CA ILE B 125 0.97 -7.41 35.27
C ILE B 125 -0.02 -8.47 34.87
N ALA B 126 -0.58 -8.35 33.68
CA ALA B 126 -1.55 -9.36 33.19
C ALA B 126 -0.99 -10.78 33.22
N CYS B 127 0.29 -10.93 32.86
CA CYS B 127 0.96 -12.22 32.82
C CYS B 127 0.97 -12.93 34.14
N ILE B 128 1.15 -12.18 35.22
CA ILE B 128 1.24 -12.78 36.55
C ILE B 128 -0.04 -12.62 37.31
N GLY B 129 -1.16 -12.40 36.63
CA GLY B 129 -2.49 -12.53 37.23
C GLY B 129 -3.34 -11.30 37.36
N GLY B 130 -2.79 -10.17 36.95
CA GLY B 130 -3.48 -8.92 37.18
C GLY B 130 -4.56 -8.59 36.16
N PRO B 131 -5.33 -7.51 36.40
CA PRO B 131 -6.35 -7.09 35.46
C PRO B 131 -5.74 -6.89 34.07
N PRO B 132 -6.28 -7.60 33.03
CA PRO B 132 -5.61 -7.66 31.69
C PRO B 132 -6.01 -6.55 30.65
N ASN B 133 -5.31 -5.41 30.69
CA ASN B 133 -5.69 -4.19 29.95
C ASN B 133 -5.47 -4.34 28.48
N ILE B 134 -4.35 -4.99 28.16
CA ILE B 134 -4.06 -5.49 26.81
C ILE B 134 -4.71 -4.65 25.62
N CYS B 135 -5.88 -5.03 25.11
CA CYS B 135 -6.47 -4.47 23.83
C CYS B 135 -5.60 -3.43 23.09
N LEU B 136 -4.61 -3.90 22.31
CA LEU B 136 -3.58 -3.05 21.65
C LEU B 136 -4.25 -2.31 20.44
N ASP B 137 -5.56 -2.44 20.21
CA ASP B 137 -6.28 -1.70 19.16
C ASP B 137 -6.12 -0.17 19.16
N ARG B 138 -6.49 0.51 20.23
CA ARG B 138 -6.45 2.00 20.21
C ARG B 138 -5.03 2.47 20.18
N LEU B 139 -4.10 1.65 20.64
CA LEU B 139 -2.68 1.98 20.53
C LEU B 139 -2.17 1.82 19.09
N GLU B 140 -2.74 0.87 18.37
CA GLU B 140 -2.40 0.65 16.97
C GLU B 140 -2.85 1.81 16.11
N ASN B 141 -4.04 2.33 16.37
CA ASN B 141 -4.54 3.42 15.56
C ASN B 141 -3.74 4.71 15.67
N TRP B 142 -3.17 4.96 16.85
CA TRP B 142 -2.34 6.11 17.06
C TRP B 142 -1.01 5.93 16.36
N ILE B 143 -0.44 4.74 16.45
CA ILE B 143 0.85 4.50 15.81
C ILE B 143 0.69 4.59 14.28
N THR B 144 -0.39 4.04 13.77
CA THR B 144 -0.63 4.07 12.35
C THR B 144 -0.82 5.53 11.93
N SER B 145 -1.67 6.27 12.65
CA SER B 145 -1.90 7.70 12.32
C SER B 145 -0.61 8.50 12.24
N LEU B 146 0.35 8.20 13.10
CA LEU B 146 1.59 8.91 13.04
C LEU B 146 2.46 8.36 11.92
N ALA B 147 2.39 7.06 11.63
CA ALA B 147 3.25 6.50 10.56
C ALA B 147 2.79 6.98 9.18
N GLU B 148 1.47 7.12 8.96
CA GLU B 148 0.97 7.64 7.68
C GLU B 148 1.44 9.08 7.51
N SER B 149 1.29 9.89 8.54
CA SER B 149 1.87 11.23 8.55
C SER B 149 3.37 11.24 8.21
N GLN B 150 4.14 10.38 8.82
CA GLN B 150 5.56 10.34 8.54
C GLN B 150 5.80 9.93 7.10
N LEU B 151 5.00 9.02 6.56
CA LEU B 151 5.20 8.56 5.18
C LEU B 151 4.94 9.70 4.22
N GLN B 152 3.80 10.37 4.41
CA GLN B 152 3.47 11.55 3.60
C GLN B 152 4.66 12.54 3.60
N THR B 153 5.21 12.76 4.79
CA THR B 153 6.34 13.66 5.01
C THR B 153 7.56 13.12 4.24
N ARG B 154 7.79 11.81 4.30
CA ARG B 154 8.90 11.21 3.56
C ARG B 154 8.78 11.50 2.08
N GLN B 155 7.55 11.49 1.57
CA GLN B 155 7.34 11.59 0.15
C GLN B 155 7.65 13.01 -0.32
N GLN B 156 7.28 13.99 0.50
CA GLN B 156 7.61 15.39 0.22
C GLN B 156 9.11 15.74 0.39
N ILE B 157 9.83 15.06 1.28
CA ILE B 157 11.27 15.26 1.38
C ILE B 157 12.01 14.58 0.22
N LYS B 158 11.38 13.60 -0.41
CA LYS B 158 11.93 13.04 -1.65
C LYS B 158 11.54 13.98 -2.78
N LYS B 159 10.32 14.51 -2.74
CA LYS B 159 9.89 15.53 -3.70
C LYS B 159 10.92 16.63 -3.84
N LEU B 160 11.55 17.02 -2.73
CA LEU B 160 12.50 18.10 -2.79
C LEU B 160 13.76 17.65 -3.51
N GLU B 161 14.15 16.39 -3.37
CA GLU B 161 15.29 15.89 -4.12
C GLU B 161 15.03 16.04 -5.63
N GLU B 162 13.78 15.79 -6.05
CA GLU B 162 13.35 15.87 -7.44
C GLU B 162 13.46 17.27 -7.94
N LEU B 163 12.93 18.19 -7.15
CA LEU B 163 12.97 19.60 -7.52
C LEU B 163 14.40 20.09 -7.69
N GLN B 164 15.27 19.74 -6.75
CA GLN B 164 16.66 20.17 -6.85
C GLN B 164 17.41 19.72 -8.13
N GLN B 165 17.16 18.51 -8.63
CA GLN B 165 17.88 18.04 -9.84
C GLN B 165 17.46 18.91 -11.07
N LYS B 166 16.15 19.20 -11.05
CA LYS B 166 15.53 20.01 -12.07
C LYS B 166 15.99 21.46 -12.03
N VAL B 167 15.91 22.08 -10.87
CA VAL B 167 16.23 23.50 -10.71
C VAL B 167 17.02 23.74 -9.43
N SER B 168 18.25 24.24 -9.58
CA SER B 168 19.10 24.57 -8.44
C SER B 168 20.06 25.71 -8.81
N TYR B 169 20.89 26.12 -7.85
CA TYR B 169 21.65 27.36 -7.85
C TYR B 169 22.51 27.52 -6.59
N LYS B 170 23.45 28.47 -6.56
CA LYS B 170 24.54 28.38 -5.59
C LYS B 170 24.03 28.25 -4.17
N GLY B 171 23.01 28.99 -3.80
CA GLY B 171 22.57 28.89 -2.39
C GLY B 171 21.47 27.91 -1.97
N ASP B 172 21.24 26.85 -2.74
CA ASP B 172 19.90 26.17 -2.71
C ASP B 172 19.56 25.77 -1.28
N PRO B 173 18.42 26.22 -0.76
CA PRO B 173 18.01 25.73 0.55
C PRO B 173 17.88 24.19 0.65
N ILE B 174 17.57 23.55 -0.46
CA ILE B 174 17.46 22.11 -0.49
C ILE B 174 18.86 21.48 -0.39
N VAL B 175 19.84 21.91 -1.17
CA VAL B 175 21.14 21.20 -1.14
C VAL B 175 21.69 21.18 0.27
N GLN B 176 21.37 22.22 1.05
CA GLN B 176 21.99 22.44 2.33
C GLN B 176 21.21 21.79 3.44
N HIS B 177 19.89 21.93 3.44
CA HIS B 177 19.06 21.46 4.56
C HIS B 177 18.34 20.11 4.38
N ARG B 178 18.14 19.67 3.15
CA ARG B 178 17.37 18.45 2.89
C ARG B 178 18.07 17.27 3.51
N PRO B 179 19.39 17.17 3.32
CA PRO B 179 20.04 15.98 3.84
C PRO B 179 19.75 15.72 5.32
N MET B 180 19.63 16.74 6.16
CA MET B 180 19.23 16.47 7.51
C MET B 180 17.76 16.21 7.66
N LEU B 181 16.95 16.84 6.84
CA LEU B 181 15.54 16.52 6.86
C LEU B 181 15.31 15.01 6.57
N GLU B 182 16.09 14.46 5.64
CA GLU B 182 16.00 13.04 5.33
C GLU B 182 16.45 12.23 6.51
N GLU B 183 17.66 12.51 7.02
CA GLU B 183 18.21 11.80 8.20
C GLU B 183 17.12 11.71 9.28
N ARG B 184 16.49 12.83 9.58
CA ARG B 184 15.51 12.90 10.66
C ARG B 184 14.30 12.06 10.42
N ILE B 185 13.68 12.18 9.24
CA ILE B 185 12.43 11.46 9.00
C ILE B 185 12.68 9.95 8.90
N VAL B 186 13.89 9.55 8.57
CA VAL B 186 14.21 8.15 8.49
C VAL B 186 14.39 7.56 9.88
N GLU B 187 15.23 8.18 10.70
CA GLU B 187 15.34 7.72 12.10
C GLU B 187 13.93 7.66 12.73
N LEU B 188 13.08 8.64 12.45
CA LEU B 188 11.74 8.64 13.03
C LEU B 188 10.94 7.43 12.61
N PHE B 189 10.92 7.17 11.30
CA PHE B 189 10.13 6.08 10.75
C PHE B 189 10.70 4.73 11.15
N ARG B 190 12.01 4.55 10.99
CA ARG B 190 12.66 3.31 11.43
C ARG B 190 12.35 3.01 12.88
N ASN B 191 12.52 3.98 13.77
CA ASN B 191 12.28 3.76 15.19
C ASN B 191 10.83 3.48 15.50
N LEU B 192 9.91 4.20 14.86
CA LEU B 192 8.49 3.94 15.11
C LEU B 192 8.10 2.52 14.68
N MET B 193 8.73 1.98 13.65
CA MET B 193 8.38 0.62 13.25
C MET B 193 8.98 -0.42 14.17
N LYS B 194 10.23 -0.22 14.60
CA LYS B 194 10.87 -1.13 15.57
C LYS B 194 10.05 -1.16 16.88
N SER B 195 9.47 -0.04 17.28
CA SER B 195 8.65 0.06 18.48
C SER B 195 7.28 -0.53 18.32
N ALA B 196 6.81 -0.60 17.09
CA ALA B 196 5.49 -1.13 16.83
C ALA B 196 5.50 -2.66 16.69
N PHE B 197 6.70 -3.27 16.77
CA PHE B 197 6.89 -4.70 16.63
C PHE B 197 6.93 -5.31 18.03
N VAL B 198 5.77 -5.75 18.48
CA VAL B 198 5.63 -6.20 19.86
C VAL B 198 5.10 -7.64 19.99
N VAL B 199 5.53 -8.33 21.04
CA VAL B 199 5.00 -9.63 21.38
C VAL B 199 3.66 -9.43 22.04
N GLU B 200 2.62 -9.93 21.41
CA GLU B 200 1.26 -9.65 21.83
C GLU B 200 0.78 -10.61 22.83
N ARG B 201 1.16 -11.87 22.66
CA ARG B 201 0.88 -12.95 23.58
C ARG B 201 2.24 -13.61 23.86
N GLN B 202 2.60 -13.65 25.15
CA GLN B 202 3.96 -14.05 25.53
C GLN B 202 4.07 -15.58 25.49
N PRO B 203 5.29 -16.09 25.28
CA PRO B 203 5.43 -17.54 25.10
C PRO B 203 4.80 -18.30 26.24
N CYS B 204 4.16 -19.43 25.93
CA CYS B 204 3.43 -20.18 26.90
C CYS B 204 3.03 -21.53 26.38
N MET B 205 3.23 -22.53 27.20
CA MET B 205 2.82 -23.91 26.85
C MET B 205 1.30 -24.00 27.02
N PRO B 206 0.60 -24.52 25.99
CA PRO B 206 -0.88 -24.42 26.04
C PRO B 206 -1.56 -25.17 27.14
N MET B 207 -0.87 -26.18 27.68
CA MET B 207 -1.41 -27.02 28.73
C MET B 207 -1.26 -26.41 30.12
N HIS B 208 -0.46 -25.37 30.27
CA HIS B 208 -0.31 -24.66 31.54
C HIS B 208 -0.51 -23.21 31.20
N PRO B 209 -1.76 -22.86 30.92
CA PRO B 209 -2.05 -21.47 30.57
C PRO B 209 -1.78 -20.47 31.62
N ASP B 210 -1.93 -20.83 32.89
CA ASP B 210 -1.75 -19.86 33.95
C ASP B 210 -0.28 -19.56 34.19
N ARG B 211 0.64 -20.27 33.51
CA ARG B 211 2.07 -20.21 33.78
C ARG B 211 2.82 -19.77 32.50
N PRO B 212 2.53 -18.54 32.03
CA PRO B 212 3.31 -17.99 30.93
C PRO B 212 4.75 -17.78 31.31
N LEU B 213 5.61 -17.73 30.31
CA LEU B 213 7.04 -17.53 30.52
C LEU B 213 7.72 -18.64 31.29
N VAL B 214 7.09 -19.81 31.40
CA VAL B 214 7.76 -21.05 31.81
C VAL B 214 7.59 -22.07 30.68
N ILE B 215 8.70 -22.57 30.16
CA ILE B 215 8.70 -23.50 29.04
C ILE B 215 9.45 -24.76 29.44
N LYS B 216 8.77 -25.90 29.42
CA LYS B 216 9.41 -27.19 29.62
C LYS B 216 9.92 -27.68 28.30
N THR B 217 11.05 -28.37 28.32
CA THR B 217 11.70 -28.82 27.08
C THR B 217 10.82 -29.88 26.48
N GLY B 218 10.87 -29.99 25.16
CA GLY B 218 10.09 -30.99 24.45
C GLY B 218 8.56 -30.83 24.44
N VAL B 219 8.04 -29.85 25.14
CA VAL B 219 6.63 -29.50 25.06
C VAL B 219 6.42 -28.36 24.09
N GLN B 220 5.33 -28.48 23.32
CA GLN B 220 4.86 -27.45 22.45
C GLN B 220 4.44 -26.23 23.23
N PHE B 221 4.92 -25.04 22.78
CA PHE B 221 4.41 -23.72 23.26
C PHE B 221 4.05 -22.83 22.09
N THR B 222 3.41 -21.71 22.38
CA THR B 222 2.95 -20.79 21.37
C THR B 222 3.22 -19.33 21.75
N THR B 223 3.44 -18.49 20.73
CA THR B 223 3.62 -17.06 20.94
C THR B 223 3.15 -16.29 19.73
N LYS B 224 2.77 -15.04 19.92
CA LYS B 224 2.22 -14.21 18.86
C LYS B 224 2.77 -12.77 18.85
N VAL B 225 3.22 -12.32 17.67
CA VAL B 225 3.72 -10.97 17.47
C VAL B 225 2.75 -10.19 16.59
N ARG B 226 2.70 -8.89 16.82
CA ARG B 226 1.87 -7.94 16.06
C ARG B 226 2.80 -6.83 15.56
N LEU B 227 2.43 -6.20 14.45
CA LEU B 227 3.05 -4.97 14.02
C LEU B 227 1.98 -3.91 13.88
N LEU B 228 2.15 -2.88 14.69
CA LEU B 228 1.12 -1.90 14.91
C LEU B 228 1.07 -0.78 13.86
N VAL B 229 1.87 -0.90 12.80
CA VAL B 229 1.69 -0.07 11.63
C VAL B 229 0.79 -0.82 10.64
N LYS B 230 -0.49 -0.45 10.63
CA LYS B 230 -1.51 -1.13 9.84
C LYS B 230 -1.43 -0.66 8.37
N PHE B 231 -0.31 -0.99 7.71
CA PHE B 231 -0.12 -0.68 6.31
C PHE B 231 -0.35 -1.93 5.48
N PRO B 232 -1.40 -1.95 4.61
CA PRO B 232 -1.59 -3.14 3.76
C PRO B 232 -0.42 -3.45 2.82
N GLU B 233 0.30 -2.43 2.36
CA GLU B 233 1.58 -2.62 1.63
C GLU B 233 2.43 -3.76 2.21
N LEU B 234 2.19 -4.11 3.48
CA LEU B 234 3.04 -5.04 4.21
C LEU B 234 2.48 -6.46 4.44
N ASN B 235 1.20 -6.67 4.10
CA ASN B 235 0.61 -7.98 4.15
C ASN B 235 1.45 -9.02 3.40
N TYR B 236 1.66 -10.17 4.01
CA TYR B 236 2.45 -11.28 3.47
C TYR B 236 3.84 -10.87 3.01
N GLN B 237 4.33 -9.72 3.50
CA GLN B 237 5.62 -9.22 3.07
C GLN B 237 6.72 -9.44 4.07
N LEU B 238 6.38 -9.72 5.33
CA LEU B 238 7.41 -9.86 6.38
C LEU B 238 7.48 -11.26 6.97
N LYS B 239 8.64 -11.91 6.86
CA LYS B 239 8.79 -13.23 7.44
C LYS B 239 9.56 -13.11 8.75
N ILE B 240 8.88 -13.51 9.81
CA ILE B 240 9.39 -13.45 11.16
C ILE B 240 10.18 -14.74 11.45
N LYS B 241 11.45 -14.63 11.78
CA LYS B 241 12.23 -15.78 12.27
C LYS B 241 12.32 -15.68 13.78
N VAL B 242 11.81 -16.72 14.45
CA VAL B 242 11.91 -16.82 15.91
C VAL B 242 13.12 -17.66 16.32
N CYS B 243 13.75 -17.29 17.43
CA CYS B 243 14.77 -18.15 17.99
C CYS B 243 14.88 -17.92 19.50
N ILE B 244 15.90 -18.52 20.09
CA ILE B 244 16.17 -18.32 21.51
C ILE B 244 17.69 -18.32 21.71
N ASP B 245 18.13 -17.44 22.60
CA ASP B 245 19.53 -17.32 22.95
C ASP B 245 20.39 -16.92 21.75
N LYS B 246 20.03 -15.79 21.16
CA LYS B 246 20.80 -15.16 20.11
C LYS B 246 22.00 -14.39 20.71
N ASP B 247 23.11 -14.32 19.97
CA ASP B 247 24.29 -13.54 20.37
C ASP B 247 24.16 -12.16 19.75
N ARG B 258 24.03 -21.68 30.27
CA ARG B 258 23.20 -22.78 29.64
C ARG B 258 22.37 -22.29 28.44
N LYS B 259 22.10 -23.15 27.45
CA LYS B 259 21.68 -22.64 26.12
C LYS B 259 20.89 -23.61 25.23
N PHE B 260 19.82 -23.11 24.60
CA PHE B 260 18.81 -23.93 23.89
C PHE B 260 18.61 -23.62 22.40
N ASN B 261 17.80 -24.46 21.74
CA ASN B 261 17.33 -24.26 20.36
C ASN B 261 15.83 -24.38 20.28
N ILE B 262 15.24 -23.75 19.27
CA ILE B 262 13.83 -23.95 18.96
C ILE B 262 13.73 -25.02 17.87
N LEU B 263 12.76 -25.91 18.01
CA LEU B 263 12.40 -26.92 16.98
C LEU B 263 10.98 -26.69 16.63
N GLY B 264 10.67 -26.98 15.38
CA GLY B 264 9.32 -26.91 14.84
C GLY B 264 9.31 -25.93 13.72
N THR B 265 8.24 -25.15 13.66
CA THR B 265 8.03 -24.19 12.59
C THR B 265 8.35 -22.79 13.13
N ASN B 266 9.42 -22.30 12.55
CA ASN B 266 10.41 -21.42 13.09
C ASN B 266 10.38 -20.06 12.36
N THR B 267 9.73 -20.02 11.20
CA THR B 267 9.40 -18.81 10.46
C THR B 267 7.88 -18.79 10.22
N LYS B 268 7.30 -17.60 10.28
CA LYS B 268 5.88 -17.42 10.00
C LYS B 268 5.79 -16.08 9.27
N VAL B 269 4.77 -15.92 8.44
CA VAL B 269 4.64 -14.74 7.57
C VAL B 269 3.43 -13.95 7.97
N MET B 270 3.64 -12.69 8.37
CA MET B 270 2.56 -11.85 8.93
C MET B 270 1.50 -11.58 7.90
N ASN B 271 0.28 -11.94 8.24
CA ASN B 271 -0.85 -11.73 7.41
C ASN B 271 -1.78 -10.81 8.19
N MET B 272 -2.91 -10.43 7.57
CA MET B 272 -3.96 -9.63 8.20
C MET B 272 -5.29 -10.36 8.37
N GLU B 273 -5.46 -11.61 7.96
CA GLU B 273 -6.66 -12.36 8.42
C GLU B 273 -6.68 -12.58 9.96
N GLU B 274 -6.88 -11.48 10.71
CA GLU B 274 -7.33 -11.48 12.10
C GLU B 274 -8.88 -11.45 12.03
N ASN B 276 -10.25 -10.62 14.30
CA ASN B 276 -9.97 -9.40 15.05
C ASN B 276 -10.27 -8.19 14.18
N ASN B 277 -9.26 -7.42 13.78
CA ASN B 277 -9.50 -6.10 13.18
C ASN B 277 -8.75 -5.95 11.88
N GLY B 278 -8.37 -7.08 11.28
CA GLY B 278 -7.51 -7.04 10.12
C GLY B 278 -6.16 -6.43 10.42
N SER B 279 -5.63 -6.70 11.63
CA SER B 279 -4.37 -6.16 12.09
C SER B 279 -3.24 -7.12 11.68
N LEU B 280 -2.05 -6.58 11.48
CA LEU B 280 -0.91 -7.40 11.05
C LEU B 280 -0.33 -8.30 12.13
N SER B 281 -0.79 -9.55 12.26
CA SER B 281 -0.31 -10.50 13.31
C SER B 281 0.53 -11.60 12.68
N ALA B 282 1.21 -12.36 13.51
CA ALA B 282 1.81 -13.63 13.11
C ALA B 282 1.92 -14.58 14.30
N GLU B 283 1.18 -15.70 14.25
CA GLU B 283 1.08 -16.61 15.42
C GLU B 283 1.96 -17.80 15.24
N PHE B 284 2.85 -18.03 16.17
CA PHE B 284 3.65 -19.24 16.16
C PHE B 284 2.98 -20.23 17.15
N LYS B 285 2.47 -21.33 16.64
CA LYS B 285 2.15 -22.48 17.46
C LYS B 285 3.26 -23.39 16.90
N HIS B 286 3.42 -24.60 17.40
CA HIS B 286 4.44 -25.47 16.78
C HIS B 286 5.92 -25.12 17.07
N LEU B 287 6.19 -24.77 18.33
CA LEU B 287 7.54 -24.51 18.84
C LEU B 287 7.81 -25.36 20.06
N THR B 288 9.02 -25.88 20.15
CA THR B 288 9.45 -26.61 21.33
C THR B 288 10.91 -26.29 21.62
N LEU B 289 11.38 -26.59 22.84
CA LEU B 289 12.81 -26.35 23.15
C LEU B 289 13.63 -27.63 23.39
N ARG B 290 14.92 -27.59 22.98
CA ARG B 290 15.90 -28.66 23.23
C ARG B 290 17.15 -28.00 23.71
N GLU B 291 17.73 -28.53 24.79
CA GLU B 291 19.02 -28.07 25.30
C GLU B 291 20.14 -28.56 24.36
N GLN B 292 21.20 -27.77 24.24
CA GLN B 292 22.34 -28.07 23.40
C GLN B 292 23.56 -28.07 24.31
N ARG B 293 24.65 -28.77 23.93
CA ARG B 293 25.88 -28.81 24.76
C ARG B 293 27.06 -28.09 24.12
N ALA B 304 26.85 -22.51 31.95
CA ALA B 304 26.17 -23.30 33.00
C ALA B 304 26.53 -22.84 34.46
N SER B 305 25.99 -21.70 34.93
CA SER B 305 26.43 -21.06 36.20
C SER B 305 25.40 -20.36 37.13
N LEU B 306 24.10 -20.49 36.90
CA LEU B 306 23.06 -20.07 37.92
C LEU B 306 21.91 -21.09 37.90
N ILE B 307 21.37 -21.44 39.09
CA ILE B 307 20.36 -22.54 39.23
C ILE B 307 19.20 -22.36 38.25
N VAL B 308 18.63 -23.46 37.75
CA VAL B 308 17.88 -23.38 36.51
C VAL B 308 16.55 -22.66 36.62
N THR B 309 15.92 -22.72 37.77
CA THR B 309 14.70 -21.99 37.96
C THR B 309 14.88 -20.49 38.15
N GLU B 310 16.13 -20.02 38.13
CA GLU B 310 16.45 -18.62 38.15
C GLU B 310 17.20 -18.15 36.87
N GLU B 311 17.60 -19.07 36.02
CA GLU B 311 18.30 -18.75 34.79
C GLU B 311 17.29 -18.36 33.73
N LEU B 312 17.50 -17.16 33.20
CA LEU B 312 16.55 -16.53 32.31
C LEU B 312 17.01 -16.53 30.85
N HIS B 313 16.03 -16.67 29.94
CA HIS B 313 16.29 -16.60 28.50
C HIS B 313 15.34 -15.70 27.80
N LEU B 314 15.81 -15.23 26.64
CA LEU B 314 15.00 -14.45 25.71
C LEU B 314 14.71 -15.20 24.41
N ILE B 315 13.43 -15.20 24.04
CA ILE B 315 12.99 -15.62 22.72
C ILE B 315 12.90 -14.34 21.84
N THR B 316 13.76 -14.24 20.83
CA THR B 316 13.79 -13.09 19.92
C THR B 316 13.10 -13.40 18.56
N PHE B 317 12.42 -12.39 18.05
CA PHE B 317 11.75 -12.41 16.77
C PHE B 317 12.40 -11.33 15.86
N GLU B 318 12.93 -11.72 14.72
CA GLU B 318 13.56 -10.80 13.77
C GLU B 318 12.83 -10.84 12.44
N THR B 319 12.70 -9.69 11.81
CA THR B 319 12.38 -9.61 10.38
C THR B 319 13.00 -8.39 9.75
N GLU B 320 12.84 -8.25 8.44
CA GLU B 320 13.34 -7.08 7.67
C GLU B 320 12.24 -6.61 6.76
N VAL B 321 12.07 -5.32 6.62
CA VAL B 321 11.08 -4.82 5.66
C VAL B 321 11.74 -3.83 4.76
N TYR B 322 11.37 -3.88 3.48
CA TYR B 322 11.78 -2.89 2.51
C TYR B 322 10.53 -2.10 2.17
N HIS B 323 10.48 -0.84 2.62
CA HIS B 323 9.36 0.05 2.34
C HIS B 323 9.76 1.28 1.60
N GLN B 324 9.21 1.38 0.38
CA GLN B 324 9.51 2.43 -0.57
C GLN B 324 10.98 2.83 -0.53
N GLY B 325 11.85 1.83 -0.54
CA GLY B 325 13.29 2.01 -0.72
C GLY B 325 14.09 1.96 0.57
N LEU B 326 13.38 2.01 1.69
CA LEU B 326 14.02 2.02 3.00
C LEU B 326 14.12 0.59 3.51
N LYS B 327 15.32 0.16 3.87
CA LYS B 327 15.45 -1.11 4.62
C LYS B 327 15.21 -0.77 6.10
N ILE B 328 14.55 -1.66 6.82
CA ILE B 328 14.23 -1.43 8.23
C ILE B 328 14.29 -2.75 8.99
N ASP B 329 15.43 -3.02 9.62
CA ASP B 329 15.55 -4.22 10.43
C ASP B 329 14.62 -4.13 11.64
N LEU B 330 13.90 -5.21 11.93
CA LEU B 330 13.11 -5.32 13.14
C LEU B 330 13.56 -6.50 14.03
N GLU B 331 13.36 -6.32 15.33
CA GLU B 331 13.81 -7.27 16.36
C GLU B 331 13.09 -6.86 17.59
N THR B 332 12.30 -7.74 18.13
CA THR B 332 11.75 -7.56 19.47
C THR B 332 12.02 -8.87 20.18
N HIS B 333 11.70 -8.95 21.46
CA HIS B 333 11.88 -10.20 22.18
C HIS B 333 10.82 -10.42 23.26
N SER B 334 10.74 -11.66 23.72
CA SER B 334 9.77 -11.98 24.76
C SER B 334 10.21 -11.29 26.03
N LEU B 335 9.39 -11.41 27.04
CA LEU B 335 9.84 -11.20 28.41
C LEU B 335 10.78 -12.36 28.73
N PRO B 336 11.66 -12.20 29.73
CA PRO B 336 12.54 -13.32 30.07
C PRO B 336 11.74 -14.58 30.48
N VAL B 337 12.25 -15.73 30.09
CA VAL B 337 11.52 -16.98 30.40
C VAL B 337 12.40 -18.03 31.06
N VAL B 338 11.81 -18.78 31.98
CA VAL B 338 12.51 -19.82 32.71
C VAL B 338 12.26 -21.09 31.93
N VAL B 339 13.32 -21.87 31.75
CA VAL B 339 13.21 -23.10 30.95
C VAL B 339 13.64 -24.30 31.82
N ILE B 340 12.80 -25.33 31.84
CA ILE B 340 12.84 -26.39 32.83
C ILE B 340 12.81 -27.74 32.17
N SER B 341 13.37 -28.74 32.88
CA SER B 341 13.49 -30.14 32.41
C SER B 341 12.23 -30.92 32.72
N ASN B 342 11.66 -30.67 33.89
CA ASN B 342 10.59 -31.48 34.45
C ASN B 342 9.58 -30.62 35.23
N ILE B 343 8.31 -31.05 35.19
CA ILE B 343 7.21 -30.30 35.74
C ILE B 343 7.24 -30.12 37.25
N CYS B 344 8.01 -30.96 37.94
CA CYS B 344 8.27 -30.71 39.36
C CYS B 344 8.95 -29.35 39.59
N GLN B 345 9.56 -28.77 38.55
CA GLN B 345 10.31 -27.50 38.67
C GLN B 345 9.48 -26.29 38.53
N MET B 346 8.19 -26.43 38.26
CA MET B 346 7.41 -25.28 37.88
C MET B 346 7.09 -24.33 39.03
N PRO B 347 6.81 -24.83 40.24
CA PRO B 347 6.59 -23.85 41.28
C PRO B 347 7.79 -22.91 41.48
N ASN B 348 9.03 -23.41 41.40
CA ASN B 348 10.18 -22.51 41.56
C ASN B 348 10.31 -21.57 40.38
N ALA B 349 10.06 -22.11 39.20
CA ALA B 349 10.10 -21.29 37.98
C ALA B 349 9.08 -20.13 38.05
N TRP B 350 7.83 -20.43 38.32
CA TRP B 350 6.82 -19.40 38.45
C TRP B 350 7.19 -18.38 39.49
N ALA B 351 7.77 -18.86 40.60
CA ALA B 351 8.25 -17.93 41.61
C ALA B 351 9.17 -16.87 41.00
N SER B 352 10.12 -17.34 40.19
CA SER B 352 11.06 -16.46 39.50
C SER B 352 10.34 -15.48 38.59
N ILE B 353 9.33 -15.95 37.88
CA ILE B 353 8.56 -15.07 37.01
C ILE B 353 7.78 -14.04 37.83
N LEU B 354 7.17 -14.49 38.92
CA LEU B 354 6.47 -13.56 39.80
C LEU B 354 7.44 -12.50 40.34
N TRP B 355 8.62 -12.94 40.75
CA TRP B 355 9.56 -12.03 41.39
C TRP B 355 10.06 -11.01 40.38
N TYR B 356 10.36 -11.48 39.17
CA TYR B 356 10.82 -10.60 38.08
C TYR B 356 9.79 -9.53 37.76
N ASN B 357 8.60 -9.97 37.39
CA ASN B 357 7.60 -9.08 36.81
C ASN B 357 6.94 -8.21 37.83
N MET B 358 6.93 -8.62 39.10
CA MET B 358 6.38 -7.80 40.17
C MET B 358 7.24 -6.57 40.38
N LEU B 359 8.54 -6.70 40.13
CA LEU B 359 9.54 -5.78 40.67
C LEU B 359 10.32 -4.93 39.69
N THR B 360 10.56 -5.41 38.48
CA THR B 360 11.24 -4.62 37.44
C THR B 360 10.32 -4.43 36.23
N ASN B 361 10.68 -3.50 35.36
CA ASN B 361 9.96 -3.31 34.11
C ASN B 361 10.87 -3.34 32.89
N ASN B 362 12.16 -3.56 33.13
CA ASN B 362 13.12 -3.84 32.12
C ASN B 362 12.80 -5.21 31.48
N PRO B 363 12.52 -5.25 30.16
CA PRO B 363 12.17 -6.56 29.57
C PRO B 363 13.33 -7.48 29.25
N LYS B 364 14.58 -7.03 29.38
CA LYS B 364 15.66 -7.86 28.90
C LYS B 364 16.73 -8.21 29.94
N ASN B 365 16.37 -8.23 31.21
CA ASN B 365 17.38 -8.50 32.25
C ASN B 365 17.58 -9.98 32.60
N VAL B 366 18.36 -10.64 31.79
CA VAL B 366 18.63 -12.04 31.96
C VAL B 366 19.29 -12.33 33.31
N ASN B 367 20.08 -11.37 33.83
CA ASN B 367 20.89 -11.58 35.03
C ASN B 367 20.26 -11.02 36.31
N PHE B 368 18.95 -10.83 36.29
CA PHE B 368 18.15 -10.34 37.43
C PHE B 368 18.44 -11.10 38.69
N PHE B 369 18.61 -12.42 38.60
CA PHE B 369 18.71 -13.23 39.79
C PHE B 369 20.12 -13.39 40.34
N THR B 370 21.10 -12.66 39.81
CA THR B 370 22.42 -12.65 40.43
C THR B 370 22.38 -11.70 41.63
N LYS B 371 21.64 -10.59 41.54
CA LYS B 371 21.35 -9.75 42.70
C LYS B 371 19.87 -9.35 42.79
N PRO B 372 19.00 -10.29 43.18
CA PRO B 372 17.57 -10.01 43.20
C PRO B 372 17.24 -8.83 44.09
N PRO B 373 16.28 -7.99 43.71
CA PRO B 373 15.84 -6.95 44.59
C PRO B 373 14.86 -7.43 45.64
N ILE B 374 14.44 -6.51 46.51
CA ILE B 374 13.51 -6.81 47.60
C ILE B 374 12.17 -6.16 47.30
N GLY B 375 11.11 -6.73 47.85
CA GLY B 375 9.77 -6.23 47.62
C GLY B 375 9.12 -5.93 48.92
N THR B 376 8.16 -5.05 48.88
CA THR B 376 7.38 -4.74 50.05
C THR B 376 6.21 -5.73 50.11
N TRP B 377 5.75 -6.05 51.31
CA TRP B 377 4.55 -6.89 51.43
C TRP B 377 3.40 -6.25 50.70
N ASP B 378 3.27 -4.94 50.75
CA ASP B 378 2.08 -4.35 50.17
C ASP B 378 1.93 -4.71 48.66
N GLN B 379 3.05 -4.96 48.00
CA GLN B 379 3.08 -5.43 46.62
C GLN B 379 2.89 -6.93 46.54
N VAL B 380 3.64 -7.66 47.35
CA VAL B 380 3.50 -9.13 47.41
C VAL B 380 2.06 -9.59 47.74
N ALA B 381 1.37 -8.88 48.60
CA ALA B 381 0.01 -9.22 48.93
C ALA B 381 -0.90 -9.15 47.74
N GLU B 382 -0.75 -8.13 46.90
CA GLU B 382 -1.64 -8.03 45.74
C GLU B 382 -1.35 -9.13 44.71
N VAL B 383 -0.10 -9.58 44.62
CA VAL B 383 0.29 -10.63 43.69
C VAL B 383 -0.26 -11.99 44.10
N LEU B 384 -0.26 -12.25 45.40
CA LEU B 384 -0.78 -13.52 45.92
C LEU B 384 -2.27 -13.56 45.74
N SER B 385 -2.97 -12.49 46.11
CA SER B 385 -4.40 -12.45 45.84
C SER B 385 -4.65 -12.69 44.33
N TRP B 386 -3.73 -12.29 43.48
CA TRP B 386 -3.90 -12.51 42.05
C TRP B 386 -3.73 -13.97 41.69
N GLN B 387 -2.80 -14.66 42.30
CA GLN B 387 -2.66 -16.07 42.00
C GLN B 387 -3.95 -16.84 42.28
N PHE B 388 -4.87 -16.23 43.05
CA PHE B 388 -6.17 -16.82 43.35
C PHE B 388 -7.37 -16.20 42.62
N SER B 389 -7.22 -15.00 42.05
CA SER B 389 -8.28 -14.38 41.20
C SER B 389 -8.09 -14.80 39.74
N SER B 390 -6.84 -14.88 39.31
CA SER B 390 -6.43 -15.45 38.03
C SER B 390 -7.04 -16.84 37.73
N THR B 391 -7.23 -17.65 38.76
CA THR B 391 -7.50 -19.06 38.60
C THR B 391 -8.83 -19.48 39.15
N THR B 392 -9.49 -18.59 39.89
CA THR B 392 -10.73 -18.94 40.57
C THR B 392 -11.56 -17.67 40.83
N LYS B 393 -12.77 -17.82 41.35
CA LYS B 393 -13.68 -16.68 41.50
C LYS B 393 -13.30 -15.72 42.64
N ARG B 394 -12.37 -16.08 43.53
CA ARG B 394 -12.35 -15.45 44.85
C ARG B 394 -11.23 -14.56 45.25
N GLY B 395 -10.00 -14.99 45.03
CA GLY B 395 -8.91 -14.24 45.59
C GLY B 395 -8.85 -14.31 47.13
N LEU B 396 -7.95 -13.54 47.73
CA LEU B 396 -7.63 -13.67 49.17
C LEU B 396 -8.11 -12.48 49.94
N SER B 397 -8.57 -12.75 51.16
CA SER B 397 -9.12 -11.77 52.11
C SER B 397 -8.02 -11.17 52.96
N ILE B 398 -8.35 -10.20 53.80
CA ILE B 398 -7.28 -9.62 54.60
C ILE B 398 -6.90 -10.50 55.79
N GLU B 399 -7.87 -11.18 56.37
CA GLU B 399 -7.52 -12.23 57.32
C GLU B 399 -6.63 -13.29 56.68
N GLN B 400 -7.02 -13.78 55.50
CA GLN B 400 -6.23 -14.80 54.80
C GLN B 400 -4.84 -14.25 54.49
N LEU B 401 -4.75 -12.95 54.25
CA LEU B 401 -3.49 -12.38 53.78
C LEU B 401 -2.54 -12.15 54.93
N THR B 402 -3.10 -11.64 56.01
CA THR B 402 -2.29 -11.34 57.16
C THR B 402 -1.70 -12.60 57.80
N THR B 403 -2.41 -13.73 57.74
CA THR B 403 -1.80 -14.96 58.24
C THR B 403 -0.69 -15.45 57.29
N LEU B 404 -0.70 -15.08 56.00
CA LEU B 404 0.47 -15.39 55.14
C LEU B 404 1.62 -14.43 55.36
N ALA B 405 1.30 -13.24 55.81
CA ALA B 405 2.35 -12.34 56.27
C ALA B 405 3.16 -12.96 57.39
N GLU B 406 2.49 -13.58 58.36
CA GLU B 406 3.18 -14.18 59.50
C GLU B 406 4.13 -15.29 59.03
N LYS B 407 3.76 -15.99 57.96
CA LYS B 407 4.62 -17.03 57.43
C LYS B 407 5.92 -16.50 56.84
N LEU B 408 5.88 -15.31 56.28
CA LEU B 408 7.06 -14.72 55.60
C LEU B 408 7.99 -13.92 56.51
N LEU B 409 7.41 -13.27 57.50
CA LEU B 409 8.15 -12.29 58.31
C LEU B 409 8.40 -12.72 59.76
N GLY B 410 7.35 -13.23 60.39
CA GLY B 410 7.31 -13.47 61.82
C GLY B 410 6.12 -12.70 62.36
N PRO B 411 5.94 -12.74 63.69
CA PRO B 411 4.69 -12.21 64.27
C PRO B 411 4.59 -10.68 64.27
N GLY B 412 3.35 -10.20 64.25
CA GLY B 412 3.05 -8.76 64.15
C GLY B 412 1.67 -8.51 63.57
N VAL B 413 1.34 -7.24 63.39
CA VAL B 413 0.11 -6.81 62.68
C VAL B 413 0.37 -5.50 61.90
N ASN B 414 -0.42 -5.27 60.85
CA ASN B 414 -0.24 -4.17 59.89
C ASN B 414 1.17 -4.06 59.33
N TYR B 415 1.42 -4.96 58.40
CA TYR B 415 2.74 -5.14 57.82
C TYR B 415 3.12 -4.06 56.75
N SER B 416 2.20 -3.10 56.47
CA SER B 416 2.26 -2.23 55.25
C SER B 416 3.64 -1.99 54.66
N GLY B 417 4.57 -1.59 55.52
CA GLY B 417 5.92 -1.27 55.08
C GLY B 417 6.91 -2.41 55.00
N CYS B 418 6.67 -3.53 55.69
CA CYS B 418 7.67 -4.58 55.84
C CYS B 418 8.22 -5.04 54.52
N GLN B 419 9.49 -5.37 54.50
CA GLN B 419 10.11 -5.74 53.28
C GLN B 419 10.40 -7.24 53.25
N ILE B 420 10.45 -7.77 52.04
CA ILE B 420 10.45 -9.22 51.77
C ILE B 420 11.56 -9.61 50.80
N THR B 421 12.41 -10.54 51.21
CA THR B 421 13.49 -11.03 50.36
C THR B 421 13.03 -12.14 49.43
N TRP B 422 13.74 -12.25 48.31
CA TRP B 422 13.63 -13.41 47.44
C TRP B 422 13.93 -14.67 48.21
N ALA B 423 14.88 -14.60 49.14
CA ALA B 423 15.23 -15.73 49.99
C ALA B 423 14.06 -16.14 50.92
N LYS B 424 13.44 -15.16 51.59
CA LYS B 424 12.23 -15.44 52.38
C LYS B 424 11.09 -15.98 51.54
N PHE B 425 11.01 -15.59 50.27
CA PHE B 425 9.84 -15.91 49.47
C PHE B 425 9.91 -17.25 48.76
N CYS B 426 11.09 -17.64 48.33
CA CYS B 426 11.19 -18.92 47.63
C CYS B 426 12.46 -19.63 47.71
N LYS B 427 13.57 -18.92 47.80
CA LYS B 427 14.85 -19.58 47.70
C LYS B 427 15.23 -20.33 48.97
N GLU B 428 14.74 -19.87 50.11
CA GLU B 428 15.08 -20.50 51.36
C GLU B 428 13.83 -21.08 51.95
N ASN B 429 14.01 -22.15 52.72
CA ASN B 429 12.87 -22.76 53.42
C ASN B 429 12.40 -21.86 54.54
N MET B 430 11.38 -22.27 55.28
CA MET B 430 10.65 -21.34 56.14
C MET B 430 10.42 -22.03 57.47
N ALA B 431 10.34 -21.23 58.53
CA ALA B 431 9.78 -21.63 59.83
C ALA B 431 10.12 -23.07 60.27
N GLY B 432 11.38 -23.45 60.05
CA GLY B 432 11.87 -24.83 60.31
C GLY B 432 10.97 -25.90 59.74
N LYS B 433 10.68 -25.77 58.45
CA LYS B 433 10.07 -26.84 57.67
C LYS B 433 10.97 -27.10 56.48
N GLY B 434 10.67 -28.16 55.75
CA GLY B 434 11.53 -28.60 54.67
C GLY B 434 11.32 -27.94 53.31
N PHE B 435 10.62 -26.82 53.25
CA PHE B 435 10.20 -26.27 51.96
C PHE B 435 9.99 -24.73 51.93
N SER B 436 10.11 -24.15 50.72
CA SER B 436 9.85 -22.72 50.44
C SER B 436 8.45 -22.32 50.83
N PHE B 437 8.26 -21.03 51.06
CA PHE B 437 6.91 -20.46 51.11
C PHE B 437 6.14 -20.66 49.83
N TRP B 438 6.70 -20.14 48.72
CA TRP B 438 6.02 -20.12 47.44
C TRP B 438 5.64 -21.56 47.02
N VAL B 439 6.58 -22.50 47.14
CA VAL B 439 6.28 -23.85 46.70
C VAL B 439 5.05 -24.42 47.45
N TRP B 440 4.99 -24.18 48.75
CA TRP B 440 3.86 -24.60 49.56
C TRP B 440 2.51 -24.10 49.00
N LEU B 441 2.53 -22.86 48.53
CA LEU B 441 1.34 -22.14 48.14
C LEU B 441 0.89 -22.47 46.73
N ASP B 442 1.87 -22.63 45.83
CA ASP B 442 1.65 -23.09 44.44
C ASP B 442 0.98 -24.43 44.48
N ASN B 443 1.47 -25.30 45.38
CA ASN B 443 0.93 -26.63 45.51
C ASN B 443 -0.45 -26.60 46.13
N ILE B 444 -0.69 -25.66 47.05
CA ILE B 444 -2.03 -25.48 47.59
C ILE B 444 -2.99 -25.02 46.51
N ILE B 445 -2.58 -24.04 45.72
CA ILE B 445 -3.40 -23.53 44.59
C ILE B 445 -3.69 -24.68 43.60
N ASP B 446 -2.67 -25.45 43.26
CA ASP B 446 -2.83 -26.62 42.39
C ASP B 446 -3.90 -27.54 42.95
N LEU B 447 -3.91 -27.71 44.26
CA LEU B 447 -4.94 -28.54 44.87
C LEU B 447 -6.34 -27.90 44.83
N VAL B 448 -6.42 -26.60 45.06
CA VAL B 448 -7.72 -25.91 44.98
C VAL B 448 -8.27 -25.82 43.55
N LYS B 449 -7.38 -25.76 42.55
CA LYS B 449 -7.80 -25.80 41.14
C LYS B 449 -8.46 -27.13 40.77
N LYS B 450 -7.78 -28.24 41.05
CA LYS B 450 -8.12 -29.54 40.45
C LYS B 450 -9.08 -30.38 41.25
N TYR B 451 -9.04 -30.24 42.56
CA TYR B 451 -9.98 -30.87 43.49
C TYR B 451 -10.61 -29.68 44.19
N ILE B 452 -11.67 -29.92 44.93
CA ILE B 452 -12.26 -28.88 45.78
C ILE B 452 -12.37 -27.39 45.26
N LEU B 453 -12.43 -27.19 43.94
CA LEU B 453 -12.52 -25.82 43.38
C LEU B 453 -13.89 -25.22 43.65
N ALA B 454 -14.92 -26.05 43.48
CA ALA B 454 -16.27 -25.61 43.77
C ALA B 454 -16.46 -25.08 45.22
N LEU B 455 -15.73 -25.61 46.17
CA LEU B 455 -15.94 -25.26 47.57
C LEU B 455 -15.16 -24.00 47.92
N TRP B 456 -14.04 -23.78 47.20
CA TRP B 456 -13.26 -22.54 47.31
C TRP B 456 -14.07 -21.37 46.79
N ASN B 457 -14.60 -21.52 45.57
CA ASN B 457 -15.59 -20.61 45.02
C ASN B 457 -16.74 -20.70 46.01
N GLU B 458 -17.40 -19.61 46.34
CA GLU B 458 -18.55 -19.67 47.26
C GLU B 458 -18.08 -19.70 48.71
N GLY B 459 -16.76 -19.82 48.94
CA GLY B 459 -16.17 -19.50 50.24
C GLY B 459 -16.42 -20.47 51.38
N TYR B 460 -16.66 -21.74 51.07
CA TYR B 460 -16.81 -22.71 52.13
C TYR B 460 -15.44 -23.10 52.70
N ILE B 461 -14.36 -22.70 52.05
CA ILE B 461 -13.01 -22.92 52.56
C ILE B 461 -12.43 -21.64 53.13
N MET B 462 -12.29 -21.63 54.43
CA MET B 462 -11.63 -20.55 55.08
C MET B 462 -10.26 -21.07 55.21
N GLY B 463 -9.38 -20.70 54.33
CA GLY B 463 -8.17 -21.51 54.13
C GLY B 463 -6.97 -21.25 55.01
N PHE B 464 -6.73 -19.97 55.29
CA PHE B 464 -5.53 -19.53 55.97
C PHE B 464 -5.91 -18.90 57.31
N ILE B 465 -5.53 -19.55 58.39
CA ILE B 465 -5.95 -19.11 59.69
C ILE B 465 -4.99 -19.51 60.80
N SER B 466 -4.63 -18.54 61.65
CA SER B 466 -3.88 -18.81 62.90
C SER B 466 -4.61 -19.89 63.69
N LYS B 467 -3.87 -20.73 64.41
CA LYS B 467 -4.52 -21.67 65.30
C LYS B 467 -5.30 -20.94 66.39
N GLU B 468 -4.80 -19.78 66.85
CA GLU B 468 -5.44 -19.04 67.97
C GLU B 468 -6.76 -18.42 67.54
N ARG B 469 -6.82 -17.89 66.31
CA ARG B 469 -8.12 -17.44 65.75
C ARG B 469 -9.06 -18.59 65.38
N GLU B 470 -8.48 -19.68 64.89
CA GLU B 470 -9.19 -20.95 64.70
C GLU B 470 -9.92 -21.34 66.00
N ARG B 471 -9.29 -21.09 67.14
CA ARG B 471 -9.88 -21.45 68.43
C ARG B 471 -10.86 -20.41 68.89
N ALA B 472 -10.42 -19.15 68.93
CA ALA B 472 -11.27 -18.03 69.36
C ALA B 472 -12.57 -17.98 68.55
N ILE B 473 -12.46 -18.21 67.25
CA ILE B 473 -13.61 -18.22 66.33
C ILE B 473 -14.67 -19.28 66.67
N LEU B 474 -14.24 -20.49 67.05
CA LEU B 474 -15.12 -21.67 67.14
C LEU B 474 -15.74 -21.91 68.54
N SER B 475 -14.94 -21.55 69.56
CA SER B 475 -15.36 -21.28 70.93
C SER B 475 -16.75 -20.59 71.01
N THR B 476 -16.91 -19.49 70.28
CA THR B 476 -18.18 -18.74 70.23
C THR B 476 -19.39 -19.66 69.89
N LYS B 477 -19.21 -20.52 68.89
CA LYS B 477 -20.28 -21.29 68.31
C LYS B 477 -20.36 -22.74 68.86
N PRO B 478 -21.49 -23.44 68.61
CA PRO B 478 -21.73 -24.76 69.23
C PRO B 478 -20.64 -25.80 68.98
N PRO B 479 -20.67 -26.94 69.71
CA PRO B 479 -19.51 -27.81 69.71
C PRO B 479 -19.38 -28.65 68.46
N GLY B 480 -20.46 -28.79 67.69
CA GLY B 480 -20.38 -29.46 66.40
C GLY B 480 -19.75 -28.69 65.23
N THR B 481 -19.74 -27.36 65.30
CA THR B 481 -19.31 -26.52 64.17
C THR B 481 -17.84 -26.77 63.83
N PHE B 482 -17.52 -26.66 62.54
CA PHE B 482 -16.21 -26.97 62.03
C PHE B 482 -15.83 -26.11 60.84
N LEU B 483 -14.56 -26.17 60.49
CA LEU B 483 -13.92 -25.23 59.58
C LEU B 483 -12.92 -25.97 58.70
N LEU B 484 -12.71 -25.47 57.48
CA LEU B 484 -11.82 -26.14 56.52
C LEU B 484 -10.59 -25.27 56.32
N ARG B 485 -9.38 -25.85 56.41
CA ARG B 485 -8.13 -25.10 56.22
C ARG B 485 -7.09 -25.95 55.56
N PHE B 486 -6.01 -25.31 55.11
CA PHE B 486 -4.94 -26.03 54.41
C PHE B 486 -3.83 -26.48 55.39
N SER B 487 -3.20 -27.61 55.08
CA SER B 487 -2.06 -28.12 55.87
C SER B 487 -0.85 -27.20 55.76
N GLU B 488 -0.14 -27.03 56.86
CA GLU B 488 1.15 -26.34 56.89
C GLU B 488 2.29 -27.33 56.99
N SER B 489 1.97 -28.63 56.92
CA SER B 489 2.93 -29.70 57.25
C SER B 489 3.67 -30.30 56.07
N SER B 490 3.20 -30.02 54.86
CA SER B 490 3.62 -30.73 53.65
C SER B 490 3.82 -29.72 52.54
N LYS B 491 4.96 -29.83 51.87
CA LYS B 491 5.17 -29.19 50.56
C LYS B 491 3.94 -29.43 49.70
N GLU B 492 3.61 -30.73 49.58
CA GLU B 492 2.54 -31.28 48.73
C GLU B 492 1.22 -30.55 48.70
N GLY B 493 0.81 -29.98 49.84
CA GLY B 493 -0.41 -29.17 49.92
C GLY B 493 -1.63 -30.08 50.02
N GLY B 494 -2.36 -29.97 51.11
CA GLY B 494 -3.55 -30.79 51.33
C GLY B 494 -4.49 -29.92 52.11
N VAL B 495 -5.70 -30.42 52.34
CA VAL B 495 -6.72 -29.73 53.18
C VAL B 495 -7.09 -30.59 54.37
N THR B 496 -7.73 -29.96 55.36
CA THR B 496 -8.16 -30.64 56.56
C THR B 496 -9.32 -29.88 57.14
N PHE B 497 -9.90 -30.42 58.19
CA PHE B 497 -10.96 -29.75 58.90
C PHE B 497 -10.64 -29.78 60.39
N THR B 498 -11.28 -28.86 61.10
CA THR B 498 -10.98 -28.57 62.47
C THR B 498 -12.31 -28.33 63.16
N TRP B 499 -12.49 -28.91 64.35
CA TRP B 499 -13.67 -28.67 65.13
C TRP B 499 -13.29 -28.42 66.56
N VAL B 500 -14.27 -28.20 67.42
CA VAL B 500 -14.04 -27.88 68.83
C VAL B 500 -14.87 -28.78 69.77
N GLU B 501 -14.16 -29.66 70.49
CA GLU B 501 -14.65 -30.38 71.69
C GLU B 501 -14.51 -29.36 72.89
N LYS B 502 -15.34 -29.45 73.94
CA LYS B 502 -15.20 -28.60 75.19
C LYS B 502 -15.04 -29.47 76.43
N ASP B 503 -14.27 -28.98 77.41
CA ASP B 503 -13.69 -29.82 78.48
C ASP B 503 -14.19 -29.44 79.87
N ILE B 504 -13.87 -30.24 80.88
CA ILE B 504 -14.44 -30.00 82.20
C ILE B 504 -13.95 -28.76 82.86
N SER B 505 -12.71 -28.34 82.66
CA SER B 505 -12.32 -27.01 83.15
C SER B 505 -13.20 -25.88 82.51
N GLY B 506 -13.94 -26.18 81.43
CA GLY B 506 -14.72 -25.18 80.71
C GLY B 506 -14.02 -24.66 79.46
N LYS B 507 -12.71 -24.89 79.31
CA LYS B 507 -11.93 -24.53 78.09
C LYS B 507 -12.43 -25.23 76.81
N THR B 508 -12.08 -24.68 75.65
CA THR B 508 -12.38 -25.34 74.36
C THR B 508 -11.12 -25.81 73.70
N GLN B 509 -11.00 -27.12 73.46
CA GLN B 509 -9.83 -27.63 72.73
C GLN B 509 -10.14 -27.86 71.24
N ILE B 510 -9.12 -27.80 70.41
CA ILE B 510 -9.28 -28.04 68.99
C ILE B 510 -8.84 -29.42 68.67
N GLN B 511 -9.49 -30.00 67.66
CA GLN B 511 -8.98 -31.17 66.98
C GLN B 511 -8.90 -30.92 65.49
N SER B 512 -7.80 -31.34 64.87
CA SER B 512 -7.69 -31.38 63.42
C SER B 512 -7.22 -32.72 63.05
N VAL B 513 -7.52 -33.07 61.81
CA VAL B 513 -7.30 -34.43 61.29
C VAL B 513 -6.12 -34.38 60.35
N GLU B 514 -5.50 -35.53 60.13
CA GLU B 514 -4.32 -35.60 59.27
C GLU B 514 -4.83 -35.24 57.91
N PRO B 515 -4.15 -34.29 57.22
CA PRO B 515 -4.79 -33.63 56.10
C PRO B 515 -4.89 -34.52 54.90
N TYR B 516 -5.88 -34.22 54.04
CA TYR B 516 -6.20 -35.02 52.84
C TYR B 516 -5.46 -34.41 51.67
N THR B 517 -4.63 -35.22 51.02
CA THR B 517 -3.72 -34.77 49.99
C THR B 517 -4.28 -35.12 48.60
N LYS B 518 -3.57 -34.73 47.52
CA LYS B 518 -3.97 -35.11 46.15
C LYS B 518 -4.20 -36.63 46.04
N GLN B 519 -3.32 -37.39 46.71
CA GLN B 519 -3.39 -38.86 46.67
C GLN B 519 -4.68 -39.46 47.29
N GLN B 520 -5.27 -38.79 48.29
CA GLN B 520 -6.53 -39.27 48.94
C GLN B 520 -7.73 -38.86 48.12
N LEU B 521 -7.65 -37.71 47.45
CA LEU B 521 -8.79 -37.11 46.77
C LEU B 521 -9.04 -37.57 45.34
N ASN B 522 -8.20 -38.44 44.80
CA ASN B 522 -8.50 -39.13 43.55
C ASN B 522 -9.65 -40.12 43.75
N ASN B 523 -9.65 -40.78 44.92
CA ASN B 523 -10.59 -41.86 45.22
C ASN B 523 -11.86 -41.41 45.86
N MET B 524 -11.86 -40.26 46.54
CA MET B 524 -13.10 -39.61 46.97
C MET B 524 -12.98 -38.12 46.92
N SER B 525 -14.08 -37.47 46.57
CA SER B 525 -14.20 -36.03 46.63
C SER B 525 -14.13 -35.59 48.09
N PHE B 526 -13.57 -34.41 48.33
CA PHE B 526 -13.46 -33.89 49.68
C PHE B 526 -14.82 -33.78 50.35
N ALA B 527 -15.83 -33.32 49.64
CA ALA B 527 -17.14 -33.21 50.27
C ALA B 527 -17.63 -34.59 50.73
N GLU B 528 -17.47 -35.62 49.89
CA GLU B 528 -17.90 -36.97 50.25
C GLU B 528 -17.16 -37.43 51.50
N ILE B 529 -15.90 -37.06 51.61
CA ILE B 529 -15.11 -37.33 52.84
C ILE B 529 -15.76 -36.80 54.10
N ILE B 530 -16.28 -35.58 54.01
CA ILE B 530 -16.89 -34.87 55.13
C ILE B 530 -18.20 -35.52 55.62
N MET B 531 -19.13 -35.83 54.71
CA MET B 531 -20.39 -36.50 55.08
C MET B 531 -20.11 -37.77 55.82
N GLY B 532 -19.31 -38.63 55.20
CA GLY B 532 -19.06 -39.98 55.70
C GLY B 532 -18.19 -40.05 56.93
N TYR B 533 -17.49 -38.96 57.24
CA TYR B 533 -16.53 -38.95 58.34
C TYR B 533 -17.17 -39.04 59.74
N LYS B 534 -16.51 -39.89 60.56
CA LYS B 534 -16.87 -40.25 61.92
C LYS B 534 -15.54 -40.60 62.68
N ILE B 535 -15.59 -40.64 64.01
CA ILE B 535 -14.43 -41.00 64.85
C ILE B 535 -14.88 -41.84 66.02
N MET B 536 -13.99 -42.61 66.61
CA MET B 536 -14.34 -43.48 67.70
C MET B 536 -13.91 -42.97 69.06
N ASP B 537 -14.87 -42.45 69.83
CA ASP B 537 -14.64 -41.87 71.18
C ASP B 537 -15.37 -42.76 72.21
N ALA B 538 -14.58 -43.47 73.02
CA ALA B 538 -15.05 -44.68 73.72
C ALA B 538 -15.79 -45.54 72.70
N THR B 539 -15.78 -46.85 72.86
CA THR B 539 -16.76 -47.70 72.14
C THR B 539 -16.88 -47.61 70.56
N ASN B 540 -17.76 -46.70 70.10
CA ASN B 540 -18.48 -46.71 68.80
C ASN B 540 -18.24 -45.39 68.01
N ILE B 541 -18.60 -45.39 66.71
CA ILE B 541 -18.27 -44.24 65.82
C ILE B 541 -19.33 -43.15 65.61
N LEU B 542 -19.20 -42.02 66.32
CA LEU B 542 -19.99 -40.76 66.17
C LEU B 542 -19.56 -39.93 64.94
N VAL B 543 -20.36 -38.99 64.46
CA VAL B 543 -19.87 -38.10 63.37
C VAL B 543 -19.33 -36.83 63.94
N SER B 544 -18.03 -36.75 64.03
CA SER B 544 -17.45 -35.61 64.70
C SER B 544 -17.86 -34.29 64.05
N PRO B 545 -17.46 -34.06 62.77
CA PRO B 545 -17.84 -32.75 62.26
C PRO B 545 -19.32 -32.76 62.04
N LEU B 546 -19.89 -33.86 61.53
CA LEU B 546 -21.12 -33.73 60.74
C LEU B 546 -22.19 -33.03 61.53
N VAL B 547 -22.02 -31.72 61.68
CA VAL B 547 -23.07 -30.81 62.11
C VAL B 547 -22.93 -29.49 61.33
N TYR B 548 -22.16 -28.47 61.78
CA TYR B 548 -22.19 -27.17 61.08
C TYR B 548 -20.85 -26.57 60.62
N LEU B 549 -20.84 -26.14 59.35
CA LEU B 549 -19.81 -25.26 58.80
C LEU B 549 -19.90 -23.81 59.29
N TYR B 550 -18.74 -23.17 59.46
CA TYR B 550 -18.53 -22.18 60.54
C TYR B 550 -19.79 -21.36 60.88
N PRO B 551 -20.30 -20.60 59.91
CA PRO B 551 -21.32 -19.64 60.28
C PRO B 551 -22.75 -20.22 60.28
N ASP B 552 -23.03 -21.12 61.23
CA ASP B 552 -24.42 -21.51 61.58
C ASP B 552 -25.06 -22.50 60.61
N ILE B 553 -24.30 -23.20 59.80
CA ILE B 553 -24.85 -23.81 58.58
C ILE B 553 -25.04 -25.31 58.71
N PRO B 554 -26.30 -25.79 58.53
CA PRO B 554 -26.48 -27.22 58.48
C PRO B 554 -25.53 -27.83 57.49
N LYS B 555 -25.09 -29.05 57.77
CA LYS B 555 -24.03 -29.61 57.01
C LYS B 555 -24.55 -29.99 55.62
N GLU B 556 -25.71 -30.65 55.55
CA GLU B 556 -26.27 -31.08 54.27
C GLU B 556 -26.35 -29.90 53.29
N GLU B 557 -26.86 -28.76 53.79
CA GLU B 557 -26.98 -27.54 53.00
C GLU B 557 -25.68 -27.20 52.28
N ALA B 558 -24.55 -27.45 52.95
CA ALA B 558 -23.26 -26.99 52.44
C ALA B 558 -22.55 -28.02 51.57
N PHE B 559 -22.74 -29.31 51.81
CA PHE B 559 -22.13 -30.33 50.94
C PHE B 559 -23.13 -31.34 50.36
N GLY B 560 -24.43 -31.06 50.47
CA GLY B 560 -25.48 -31.95 49.96
C GLY B 560 -25.43 -32.12 48.45
N LYS B 561 -24.98 -31.07 47.75
CA LYS B 561 -24.84 -31.04 46.29
C LYS B 561 -23.83 -32.04 45.71
N TYR B 562 -22.85 -32.46 46.50
CA TYR B 562 -21.78 -33.32 45.99
C TYR B 562 -21.93 -34.79 46.42
N CYS B 563 -22.96 -35.10 47.19
CA CYS B 563 -23.18 -36.48 47.66
C CYS B 563 -23.50 -37.39 46.47
N ARG B 564 -24.50 -36.98 45.68
CA ARG B 564 -24.98 -37.77 44.54
C ARG B 564 -25.26 -39.19 45.07
N PRO B 565 -25.01 -40.28 44.31
CA PRO B 565 -25.36 -41.53 44.99
C PRO B 565 -24.72 -41.71 46.36
N GLY C 1 38.55 37.02 -3.16
CA GLY C 1 39.35 35.96 -3.80
C GLY C 1 39.17 36.06 -5.30
N SER C 2 37.91 36.10 -5.72
CA SER C 2 37.59 36.17 -7.14
C SER C 2 36.71 37.40 -7.46
N VAL C 3 36.93 38.00 -8.63
CA VAL C 3 36.03 38.97 -9.18
C VAL C 3 34.68 38.30 -9.46
N SER C 4 33.64 38.85 -8.86
CA SER C 4 32.31 38.29 -8.87
C SER C 4 31.41 38.56 -10.11
N SER C 5 31.71 39.55 -10.94
CA SER C 5 30.75 40.01 -11.98
C SER C 5 30.60 39.00 -13.10
N VAL C 6 29.59 39.27 -13.92
CA VAL C 6 29.17 38.44 -15.05
C VAL C 6 30.32 38.11 -15.98
N PRO C 7 30.95 39.17 -16.72
CA PRO C 7 32.36 39.16 -17.24
C PRO C 7 33.22 39.92 -16.30
N THR C 8 34.45 39.48 -16.11
CA THR C 8 35.29 40.12 -15.11
C THR C 8 35.84 41.49 -15.54
N LYS C 9 36.26 41.59 -16.80
CA LYS C 9 36.78 42.83 -17.34
C LYS C 9 35.83 43.25 -18.48
N LEU C 10 35.87 44.52 -18.85
CA LEU C 10 35.13 45.03 -20.01
C LEU C 10 35.82 46.28 -20.53
N GLU C 11 36.12 46.33 -21.82
CA GLU C 11 36.75 47.53 -22.43
C GLU C 11 36.14 47.85 -23.79
N VAL C 12 36.45 49.06 -24.25
CA VAL C 12 36.29 49.41 -25.65
C VAL C 12 37.67 49.41 -26.34
N VAL C 13 37.73 48.91 -27.57
CA VAL C 13 38.98 48.57 -28.26
C VAL C 13 39.18 49.30 -29.59
N ALA C 14 38.11 49.43 -30.37
CA ALA C 14 38.11 50.30 -31.55
C ALA C 14 36.88 51.20 -31.39
N ALA C 15 36.92 52.37 -32.02
CA ALA C 15 35.80 53.28 -31.94
C ALA C 15 35.83 54.28 -33.08
N THR C 16 34.67 54.43 -33.72
CA THR C 16 34.38 55.54 -34.62
C THR C 16 33.44 56.51 -33.87
N PRO C 17 33.27 57.73 -34.36
CA PRO C 17 32.45 58.69 -33.61
C PRO C 17 30.97 58.31 -33.40
N THR C 18 30.51 57.29 -34.10
CA THR C 18 29.10 56.91 -34.03
C THR C 18 28.89 55.43 -33.59
N SER C 19 30.00 54.71 -33.33
CA SER C 19 29.92 53.30 -32.94
C SER C 19 31.14 52.83 -32.16
N LEU C 20 30.91 51.88 -31.25
CA LEU C 20 31.97 51.27 -30.40
C LEU C 20 32.07 49.79 -30.66
N LEU C 21 33.21 49.22 -30.30
CA LEU C 21 33.36 47.75 -30.19
C LEU C 21 33.94 47.34 -28.84
N ILE C 22 33.24 46.43 -28.16
CA ILE C 22 33.57 46.04 -26.78
C ILE C 22 34.07 44.60 -26.70
N SER C 23 35.01 44.35 -25.82
CA SER C 23 35.54 43.01 -25.59
C SER C 23 35.54 42.75 -24.08
N TRP C 24 35.14 41.53 -23.71
CA TRP C 24 35.26 41.09 -22.33
C TRP C 24 36.08 39.81 -22.33
N ASP C 25 37.01 39.69 -21.39
CA ASP C 25 37.78 38.47 -21.33
C ASP C 25 36.81 37.31 -21.09
N ALA C 26 37.08 36.19 -21.80
CA ALA C 26 36.17 35.04 -22.01
C ALA C 26 35.89 34.39 -20.68
N PRO C 27 34.63 34.02 -20.44
CA PRO C 27 34.19 33.65 -19.11
C PRO C 27 34.48 32.17 -18.74
N ALA C 28 34.84 31.92 -17.47
CA ALA C 28 35.09 30.58 -17.01
C ALA C 28 33.81 29.78 -16.83
N VAL C 29 32.70 30.46 -16.60
CA VAL C 29 31.40 29.79 -16.58
C VAL C 29 30.92 29.52 -18.02
N THR C 30 29.77 28.89 -18.17
CA THR C 30 29.28 28.56 -19.48
C THR C 30 28.08 29.43 -19.62
N VAL C 31 28.26 30.48 -20.43
CA VAL C 31 27.22 31.47 -20.61
C VAL C 31 26.27 31.07 -21.73
N ASP C 32 24.98 30.99 -21.41
CA ASP C 32 23.96 30.73 -22.42
C ASP C 32 23.93 31.86 -23.42
N PHE C 33 23.82 33.07 -22.91
CA PHE C 33 23.92 34.27 -23.72
C PHE C 33 24.03 35.51 -22.84
N TYR C 34 24.40 36.64 -23.47
CA TYR C 34 24.53 37.94 -22.77
C TYR C 34 23.52 38.93 -23.28
N HIS C 35 23.09 39.84 -22.41
CA HIS C 35 22.45 41.10 -22.83
C HIS C 35 23.50 42.24 -22.83
N ILE C 36 23.29 43.20 -23.73
CA ILE C 36 24.10 44.41 -23.81
C ILE C 36 23.16 45.62 -23.78
N THR C 37 23.36 46.48 -22.79
CA THR C 37 22.55 47.68 -22.68
C THR C 37 23.44 48.89 -22.75
N TYR C 38 22.94 49.93 -23.42
CA TYR C 38 23.63 51.21 -23.46
C TYR C 38 22.56 52.33 -23.39
N GLY C 39 22.83 53.39 -22.61
CA GLY C 39 21.93 54.55 -22.51
C GLY C 39 22.63 55.81 -22.11
N GLU C 40 22.09 56.96 -22.51
CA GLU C 40 22.73 58.26 -22.23
C GLU C 40 22.67 58.53 -20.73
N THR C 41 23.83 58.78 -20.15
CA THR C 41 23.99 58.77 -18.70
C THR C 41 23.11 59.84 -18.08
N GLY C 42 22.34 59.48 -17.06
CA GLY C 42 21.42 60.43 -16.44
C GLY C 42 20.10 60.70 -17.19
N GLY C 43 20.03 60.37 -18.49
CA GLY C 43 18.85 60.59 -19.34
C GLY C 43 17.58 59.93 -18.83
N ASN C 44 16.47 60.33 -19.42
CA ASN C 44 15.18 59.60 -19.32
C ASN C 44 14.70 59.14 -20.73
N SER C 45 15.52 59.46 -21.72
CA SER C 45 15.73 58.61 -22.91
C SER C 45 15.93 57.13 -22.51
N PRO C 46 15.02 56.22 -22.93
CA PRO C 46 15.10 54.83 -22.43
C PRO C 46 16.37 54.10 -22.87
N VAL C 47 16.57 52.92 -22.32
CA VAL C 47 17.82 52.22 -22.53
C VAL C 47 17.66 51.29 -23.71
N GLN C 48 18.73 51.14 -24.47
CA GLN C 48 18.75 50.26 -25.65
C GLN C 48 19.40 48.95 -25.32
N GLU C 49 18.90 47.86 -25.93
CA GLU C 49 19.36 46.53 -25.59
C GLU C 49 19.41 45.57 -26.76
N PHE C 50 20.37 44.67 -26.72
CA PHE C 50 20.37 43.51 -27.59
C PHE C 50 21.14 42.33 -26.98
N THR C 51 21.01 41.17 -27.62
CA THR C 51 21.57 39.93 -27.10
C THR C 51 22.75 39.53 -27.92
N VAL C 52 23.70 38.85 -27.30
CA VAL C 52 24.72 38.17 -28.05
C VAL C 52 24.87 36.74 -27.52
N PRO C 53 25.16 35.75 -28.40
CA PRO C 53 25.32 34.38 -27.88
C PRO C 53 26.53 34.21 -26.98
N GLY C 54 26.42 33.25 -26.08
CA GLY C 54 27.49 32.91 -25.17
C GLY C 54 28.79 32.67 -25.90
N SER C 55 28.69 32.19 -27.15
CA SER C 55 29.84 31.95 -28.03
C SER C 55 30.78 33.12 -27.99
N LYS C 56 30.24 34.33 -28.15
CA LYS C 56 31.01 35.49 -28.51
C LYS C 56 31.58 36.18 -27.27
N SER C 57 32.66 36.93 -27.52
CA SER C 57 33.33 37.74 -26.52
C SER C 57 33.35 39.25 -26.90
N THR C 58 32.56 39.66 -27.90
CA THR C 58 32.48 41.06 -28.32
C THR C 58 31.19 41.38 -29.10
N ALA C 59 30.69 42.59 -28.93
CA ALA C 59 29.64 43.11 -29.81
C ALA C 59 29.98 44.55 -30.21
N THR C 60 29.31 45.03 -31.25
CA THR C 60 29.38 46.44 -31.66
C THR C 60 28.03 47.17 -31.38
N ILE C 61 28.15 48.35 -30.79
CA ILE C 61 27.00 49.24 -30.61
C ILE C 61 27.17 50.32 -31.67
N SER C 62 26.05 50.84 -32.17
CA SER C 62 26.07 51.94 -33.14
C SER C 62 24.83 52.85 -33.02
N GLY C 63 24.88 54.00 -33.71
CA GLY C 63 23.88 55.03 -33.61
C GLY C 63 24.11 55.98 -32.43
N LEU C 64 25.36 56.13 -32.03
CA LEU C 64 25.65 56.95 -30.87
C LEU C 64 25.79 58.43 -31.24
N LYS C 65 25.07 59.27 -30.51
CA LYS C 65 25.30 60.71 -30.49
C LYS C 65 26.76 60.91 -30.08
N PRO C 66 27.56 61.65 -30.87
CA PRO C 66 29.02 61.44 -30.75
C PRO C 66 29.61 61.74 -29.38
N GLY C 67 29.54 62.98 -28.92
CA GLY C 67 30.25 63.29 -27.70
C GLY C 67 29.60 62.94 -26.37
N VAL C 68 28.39 62.35 -26.35
CA VAL C 68 27.65 62.06 -25.10
C VAL C 68 28.19 60.86 -24.32
N ASP C 69 28.05 60.97 -22.98
CA ASP C 69 28.37 59.93 -21.99
C ASP C 69 27.32 58.78 -22.07
N TYR C 70 27.74 57.63 -22.60
CA TYR C 70 26.93 56.39 -22.59
C TYR C 70 27.39 55.45 -21.47
N THR C 71 26.41 54.89 -20.73
CA THR C 71 26.64 53.87 -19.69
C THR C 71 26.39 52.53 -20.33
N ILE C 72 27.44 51.70 -20.42
CA ILE C 72 27.33 50.40 -21.09
C ILE C 72 27.38 49.28 -20.05
N THR C 73 26.38 48.40 -20.08
CA THR C 73 26.29 47.28 -19.14
C THR C 73 26.23 45.94 -19.87
N VAL C 74 26.94 44.94 -19.36
CA VAL C 74 26.81 43.56 -19.88
C VAL C 74 26.29 42.58 -18.81
N TYR C 75 25.21 41.88 -19.16
CA TYR C 75 24.58 40.87 -18.30
C TYR C 75 24.84 39.47 -18.91
N ALA C 76 24.95 38.43 -18.07
CA ALA C 76 24.99 37.03 -18.54
C ALA C 76 24.03 36.17 -17.84
N TYR C 77 23.65 35.15 -18.58
CA TYR C 77 22.70 34.15 -18.12
C TYR C 77 23.39 32.79 -18.21
N VAL C 78 23.45 32.12 -17.06
CA VAL C 78 24.07 30.82 -17.00
C VAL C 78 23.03 29.87 -16.52
N SER C 79 22.92 28.74 -17.20
CA SER C 79 22.20 27.61 -16.60
C SER C 79 22.98 26.32 -16.49
N TYR C 80 24.17 26.21 -17.10
CA TYR C 80 24.69 24.89 -17.45
C TYR C 80 24.73 24.00 -16.24
N PRO C 81 25.68 24.25 -15.33
CA PRO C 81 25.70 23.30 -14.19
C PRO C 81 24.36 23.50 -13.40
N GLU C 82 24.12 24.71 -12.90
CA GLU C 82 22.86 25.13 -12.30
C GLU C 82 22.60 26.48 -12.88
N TYR C 83 21.40 26.97 -12.65
CA TYR C 83 21.06 28.37 -12.87
C TYR C 83 21.95 29.32 -12.05
N TYR C 84 22.50 30.38 -12.68
CA TYR C 84 23.36 31.34 -11.97
C TYR C 84 22.81 32.79 -11.98
N PHE C 85 22.73 33.50 -13.10
CA PHE C 85 22.37 34.99 -12.99
C PHE C 85 23.42 35.88 -12.28
N PRO C 86 24.68 35.82 -12.72
CA PRO C 86 25.69 36.65 -12.08
C PRO C 86 25.36 38.14 -12.19
N SER C 87 25.88 38.88 -11.23
CA SER C 87 25.75 40.33 -11.20
C SER C 87 26.54 40.88 -12.39
N PRO C 88 26.03 41.94 -13.06
CA PRO C 88 26.70 42.49 -14.24
C PRO C 88 27.82 43.45 -13.98
N ILE C 89 28.44 43.86 -15.10
CA ILE C 89 29.57 44.82 -15.08
C ILE C 89 29.23 45.98 -15.99
N SER C 90 29.50 47.20 -15.54
CA SER C 90 29.33 48.40 -16.38
C SER C 90 30.58 49.23 -16.53
N ILE C 91 30.65 49.94 -17.66
CA ILE C 91 31.61 51.02 -17.88
C ILE C 91 30.92 52.25 -18.48
N ASN C 92 31.61 53.40 -18.43
CA ASN C 92 31.12 54.62 -19.09
C ASN C 92 32.09 55.12 -20.17
N TYR C 93 31.57 55.27 -21.39
CA TYR C 93 32.34 55.73 -22.54
C TYR C 93 31.54 56.83 -23.17
N ARG C 94 32.31 57.76 -23.74
CA ARG C 94 31.83 58.92 -24.47
C ARG C 94 32.68 58.90 -25.72
N THR C 95 32.07 59.09 -26.87
CA THR C 95 32.86 58.91 -28.08
C THR C 95 33.10 60.18 -28.89
N GLY D 1 17.21 -49.77 -14.16
CA GLY D 1 17.36 -49.61 -12.68
C GLY D 1 16.08 -49.71 -11.85
N SER D 2 16.28 -49.58 -10.52
CA SER D 2 15.27 -49.27 -9.46
C SER D 2 15.20 -50.37 -8.36
N VAL D 3 14.29 -50.14 -7.39
CA VAL D 3 13.74 -51.09 -6.37
C VAL D 3 13.37 -50.23 -5.13
N SER D 4 12.08 -50.06 -4.94
CA SER D 4 11.53 -49.08 -4.00
C SER D 4 11.48 -49.41 -2.53
N SER D 5 11.59 -50.68 -2.13
CA SER D 5 11.50 -51.02 -0.72
C SER D 5 12.53 -50.17 0.00
N VAL D 6 12.28 -49.86 1.26
CA VAL D 6 13.25 -49.04 1.91
C VAL D 6 14.57 -49.73 1.99
N PRO D 7 14.73 -50.77 2.84
CA PRO D 7 15.96 -51.51 2.47
C PRO D 7 15.68 -52.36 1.21
N THR D 8 16.66 -52.46 0.34
CA THR D 8 16.51 -53.24 -0.89
C THR D 8 16.52 -54.77 -0.60
N LYS D 9 17.46 -55.22 0.22
CA LYS D 9 17.59 -56.61 0.59
C LYS D 9 17.36 -56.72 2.11
N LEU D 10 17.02 -57.91 2.58
CA LEU D 10 16.90 -58.19 4.00
C LEU D 10 17.12 -59.66 4.22
N GLU D 11 17.99 -60.02 5.14
CA GLU D 11 18.21 -61.43 5.44
C GLU D 11 18.53 -61.64 6.89
N VAL D 12 18.41 -62.89 7.34
CA VAL D 12 18.91 -63.30 8.63
C VAL D 12 20.25 -64.01 8.43
N VAL D 13 21.19 -63.76 9.33
CA VAL D 13 22.61 -64.09 9.11
C VAL D 13 23.13 -65.04 10.22
N ALA D 14 22.76 -64.77 11.47
CA ALA D 14 23.02 -65.68 12.59
C ALA D 14 21.70 -65.92 13.32
N ALA D 15 21.58 -67.08 13.98
CA ALA D 15 20.33 -67.41 14.67
C ALA D 15 20.53 -68.45 15.73
N THR D 16 19.96 -68.17 16.90
CA THR D 16 19.77 -69.14 17.97
C THR D 16 18.27 -69.47 18.01
N PRO D 17 17.90 -70.57 18.68
CA PRO D 17 16.48 -70.95 18.64
C PRO D 17 15.48 -69.95 19.24
N THR D 18 15.94 -68.95 19.98
CA THR D 18 15.03 -67.94 20.56
C THR D 18 15.32 -66.51 20.07
N SER D 19 16.29 -66.35 19.17
CA SER D 19 16.64 -65.03 18.69
C SER D 19 17.31 -65.06 17.31
N LEU D 20 17.07 -63.98 16.55
CA LEU D 20 17.62 -63.78 15.21
C LEU D 20 18.48 -62.56 15.15
N LEU D 21 19.35 -62.47 14.14
CA LEU D 21 20.02 -61.22 13.77
C LEU D 21 19.90 -60.90 12.29
N ILE D 22 19.42 -59.70 12.00
CA ILE D 22 19.05 -59.30 10.63
C ILE D 22 20.00 -58.22 10.10
N SER D 23 20.31 -58.29 8.80
CA SER D 23 21.14 -57.29 8.14
C SER D 23 20.44 -56.87 6.84
N TRP D 24 20.47 -55.57 6.57
CA TRP D 24 20.02 -55.04 5.28
C TRP D 24 21.17 -54.25 4.65
N ASP D 25 21.10 -54.03 3.35
CA ASP D 25 21.92 -53.06 2.61
C ASP D 25 22.05 -51.76 3.39
N ALA D 26 23.24 -51.16 3.42
CA ALA D 26 23.24 -49.77 3.86
C ALA D 26 22.47 -49.01 2.77
N PRO D 27 21.60 -48.08 3.18
CA PRO D 27 20.65 -47.46 2.26
C PRO D 27 21.27 -46.26 1.53
N ALA D 28 20.92 -46.05 0.25
CA ALA D 28 21.43 -44.90 -0.50
C ALA D 28 20.77 -43.61 -0.06
N VAL D 29 19.57 -43.69 0.50
CA VAL D 29 18.93 -42.51 1.12
C VAL D 29 19.49 -42.23 2.52
N THR D 30 19.01 -41.19 3.17
CA THR D 30 19.50 -40.84 4.49
C THR D 30 18.35 -41.14 5.44
N VAL D 31 18.47 -42.26 6.13
CA VAL D 31 17.39 -42.75 6.98
C VAL D 31 17.47 -42.13 8.36
N ASP D 32 16.40 -41.47 8.77
CA ASP D 32 16.33 -40.93 10.10
C ASP D 32 16.40 -42.07 11.08
N PHE D 33 15.52 -43.02 10.89
CA PHE D 33 15.50 -44.23 11.70
C PHE D 33 14.56 -45.27 11.09
N TYR D 34 14.70 -46.52 11.57
CA TYR D 34 13.89 -47.64 11.12
C TYR D 34 13.00 -48.15 12.23
N HIS D 35 11.82 -48.66 11.86
CA HIS D 35 11.05 -49.55 12.73
C HIS D 35 11.31 -51.01 12.32
N ILE D 36 11.24 -51.90 13.31
CA ILE D 36 11.34 -53.36 13.11
C ILE D 36 10.12 -54.03 13.75
N THR D 37 9.35 -54.77 12.95
CA THR D 37 8.18 -55.46 13.46
C THR D 37 8.35 -56.94 13.20
N TYR D 38 7.90 -57.74 14.15
CA TYR D 38 7.87 -59.18 14.00
C TYR D 38 6.58 -59.70 14.69
N GLY D 39 5.88 -60.64 14.03
CA GLY D 39 4.68 -61.27 14.62
C GLY D 39 4.46 -62.67 14.08
N GLU D 40 3.79 -63.51 14.86
CA GLU D 40 3.50 -64.89 14.42
C GLU D 40 2.52 -64.88 13.25
N THR D 41 2.85 -65.53 12.15
CA THR D 41 2.07 -65.27 10.91
C THR D 41 0.55 -65.42 10.96
N GLY D 42 0.04 -66.54 11.43
CA GLY D 42 -1.42 -66.63 11.61
C GLY D 42 -1.89 -65.84 12.83
N GLY D 43 -0.97 -65.64 13.78
CA GLY D 43 -1.30 -65.28 15.15
C GLY D 43 -2.11 -64.03 15.20
N ASN D 44 -3.31 -64.10 15.77
CA ASN D 44 -4.03 -62.91 16.16
C ASN D 44 -3.47 -62.44 17.51
N SER D 45 -2.26 -62.89 17.89
CA SER D 45 -1.42 -62.14 18.84
C SER D 45 -0.85 -60.86 18.17
N PRO D 46 -0.74 -59.76 18.92
CA PRO D 46 -0.40 -58.50 18.30
C PRO D 46 1.05 -58.50 17.87
N VAL D 47 1.42 -57.47 17.15
CA VAL D 47 2.75 -57.42 16.52
C VAL D 47 3.69 -56.69 17.46
N GLN D 48 4.94 -57.11 17.47
CA GLN D 48 5.96 -56.49 18.31
C GLN D 48 6.81 -55.57 17.49
N GLU D 49 7.24 -54.46 18.11
CA GLU D 49 7.94 -53.40 17.41
C GLU D 49 9.03 -52.70 18.23
N PHE D 50 10.08 -52.30 17.54
CA PHE D 50 11.08 -51.41 18.12
C PHE D 50 11.81 -50.62 17.03
N THR D 51 12.59 -49.64 17.47
CA THR D 51 13.23 -48.70 16.57
C THR D 51 14.72 -48.98 16.55
N VAL D 52 15.37 -48.69 15.44
CA VAL D 52 16.83 -48.57 15.45
C VAL D 52 17.21 -47.30 14.75
N PRO D 53 18.31 -46.67 15.16
CA PRO D 53 18.72 -45.47 14.43
C PRO D 53 19.15 -45.72 12.99
N GLY D 54 18.98 -44.70 12.17
CA GLY D 54 19.41 -44.74 10.78
C GLY D 54 20.85 -45.18 10.64
N SER D 55 21.67 -44.87 11.66
CA SER D 55 23.07 -45.27 11.70
C SER D 55 23.24 -46.72 11.30
N LYS D 56 22.43 -47.58 11.92
CA LYS D 56 22.67 -49.01 11.97
C LYS D 56 22.12 -49.73 10.73
N SER D 57 22.70 -50.89 10.46
CA SER D 57 22.31 -51.77 9.39
C SER D 57 21.86 -53.15 9.90
N THR D 58 21.67 -53.31 11.21
CA THR D 58 21.26 -54.58 11.81
C THR D 58 20.62 -54.41 13.20
N ALA D 59 19.64 -55.25 13.49
CA ALA D 59 19.15 -55.39 14.86
C ALA D 59 19.00 -56.85 15.18
N THR D 60 18.89 -57.12 16.48
CA THR D 60 18.60 -58.44 16.97
C THR D 60 17.17 -58.51 17.58
N ILE D 61 16.41 -59.54 17.21
CA ILE D 61 15.10 -59.81 17.79
C ILE D 61 15.28 -60.99 18.74
N SER D 62 14.52 -61.04 19.83
CA SER D 62 14.61 -62.19 20.75
C SER D 62 13.27 -62.46 21.43
N GLY D 63 13.21 -63.60 22.13
CA GLY D 63 11.98 -64.03 22.78
C GLY D 63 11.08 -64.81 21.84
N LEU D 64 11.66 -65.47 20.84
CA LEU D 64 10.84 -66.14 19.84
C LEU D 64 10.51 -67.55 20.28
N LYS D 65 9.22 -67.88 20.18
CA LYS D 65 8.75 -69.27 20.24
C LYS D 65 9.49 -70.02 19.13
N PRO D 66 10.20 -71.11 19.48
CA PRO D 66 11.25 -71.57 18.55
C PRO D 66 10.78 -71.90 17.14
N GLY D 67 9.96 -72.92 16.98
CA GLY D 67 9.70 -73.36 15.64
C GLY D 67 8.69 -72.55 14.85
N VAL D 68 8.08 -71.50 15.42
CA VAL D 68 6.98 -70.80 14.73
C VAL D 68 7.46 -69.87 13.62
N ASP D 69 6.58 -69.72 12.61
CA ASP D 69 6.72 -68.81 11.46
C ASP D 69 6.49 -67.33 11.91
N TYR D 70 7.58 -66.55 11.95
CA TYR D 70 7.52 -65.09 12.21
C TYR D 70 7.63 -64.31 10.90
N THR D 71 6.78 -63.29 10.75
CA THR D 71 6.85 -62.35 9.62
C THR D 71 7.61 -61.11 10.10
N ILE D 72 8.76 -60.84 9.48
CA ILE D 72 9.60 -59.73 9.91
C ILE D 72 9.54 -58.64 8.88
N THR D 73 9.23 -57.41 9.31
CA THR D 73 9.14 -56.25 8.42
C THR D 73 10.06 -55.12 8.87
N VAL D 74 10.72 -54.47 7.92
CA VAL D 74 11.50 -53.26 8.25
C VAL D 74 10.95 -52.02 7.55
N TYR D 75 10.67 -50.98 8.33
CA TYR D 75 10.20 -49.68 7.81
C TYR D 75 11.31 -48.64 7.97
N ALA D 76 11.38 -47.66 7.07
CA ALA D 76 12.27 -46.49 7.25
C ALA D 76 11.55 -45.21 7.08
N TYR D 77 12.12 -44.23 7.76
CA TYR D 77 11.62 -42.88 7.73
C TYR D 77 12.75 -41.97 7.22
N VAL D 78 12.46 -41.24 6.15
CA VAL D 78 13.43 -40.33 5.58
C VAL D 78 12.82 -38.96 5.63
N SER D 79 13.60 -37.99 6.12
CA SER D 79 13.25 -36.59 5.88
C SER D 79 14.38 -35.75 5.27
N TYR D 80 15.59 -36.30 5.10
CA TYR D 80 16.75 -35.42 4.96
C TYR D 80 16.55 -34.45 3.85
N PRO D 81 16.65 -34.93 2.60
CA PRO D 81 16.47 -33.93 1.51
C PRO D 81 15.00 -33.45 1.60
N GLU D 82 14.06 -34.37 1.56
CA GLU D 82 12.63 -34.06 1.75
C GLU D 82 12.02 -35.27 2.42
N TYR D 83 10.82 -35.14 2.95
CA TYR D 83 10.09 -36.26 3.49
C TYR D 83 9.87 -37.39 2.45
N TYR D 84 10.16 -38.66 2.82
CA TYR D 84 9.96 -39.80 1.90
C TYR D 84 8.93 -40.85 2.40
N PHE D 85 9.16 -41.60 3.48
CA PHE D 85 8.21 -42.79 3.78
C PHE D 85 8.22 -43.91 2.75
N PRO D 86 9.39 -44.47 2.44
CA PRO D 86 9.42 -45.55 1.46
C PRO D 86 8.63 -46.77 1.91
N SER D 87 8.18 -47.53 0.92
CA SER D 87 7.55 -48.79 1.15
C SER D 87 8.49 -49.70 1.93
N PRO D 88 7.94 -50.58 2.79
CA PRO D 88 8.81 -51.50 3.50
C PRO D 88 9.05 -52.83 2.83
N ILE D 89 9.95 -53.60 3.46
CA ILE D 89 10.35 -54.93 3.00
C ILE D 89 10.07 -55.89 4.13
N SER D 90 9.44 -57.03 3.82
CA SER D 90 9.30 -58.12 4.83
C SER D 90 9.87 -59.46 4.33
N ILE D 91 10.27 -60.29 5.28
CA ILE D 91 10.61 -61.70 5.04
C ILE D 91 9.93 -62.58 6.08
N ASN D 92 9.91 -63.89 5.81
CA ASN D 92 9.40 -64.86 6.81
C ASN D 92 10.47 -65.86 7.24
N TYR D 93 10.68 -65.95 8.55
CA TYR D 93 11.67 -66.86 9.12
C TYR D 93 10.98 -67.61 10.25
N ARG D 94 11.45 -68.83 10.42
CA ARG D 94 11.01 -69.75 11.46
C ARG D 94 12.32 -70.24 12.02
N THR D 95 12.44 -70.31 13.34
CA THR D 95 13.73 -70.65 13.93
C THR D 95 13.77 -72.02 14.64
#